data_1NFQ
#
_entry.id   1NFQ
#
_cell.length_a   122.163
_cell.length_b   122.163
_cell.length_c   141.246
_cell.angle_alpha   90.00
_cell.angle_beta   90.00
_cell.angle_gamma   90.00
#
_symmetry.space_group_name_H-M   'I 4'
#
loop_
_entity.id
_entity.type
_entity.pdbx_description
1 polymer 'Putative oxidoreductase Rv2002'
2 non-polymer '1,4-DIHYDRONICOTINAMIDE ADENINE DINUCLEOTIDE'
3 non-polymer Androsterone
4 water water
#
_entity_poly.entity_id   1
_entity_poly.type   'polypeptide(L)'
_entity_poly.pdbx_seq_one_letter_code
;MSGRLTGKVALVSGGARGMGASHVRAMVAEGAKVVFGDILDEEGKAMAAELADAARYVHLDVTQPAQWKAAVDTAVTAFG
GLHVLVNNAGILNIGTIEDYALTEWQRILDVNLTGVFLGIRAVVKPMKEAGRGSIINISSIEGLAGTVACHGYTATKFAV
RGLTKSTALELGPSGIRVNSIHPGLVKTPMTDWVPEDIFQTALGRAAEPVEVSNLVVYLASDESSYSTGAEFVVDGGTVA
GLAHNDFGAVEVSSQPEWVT
;
_entity_poly.pdbx_strand_id   A,B,C,D
#
# COMPACT_ATOMS: atom_id res chain seq x y z
N SER A 2 -9.46 -32.77 4.46
CA SER A 2 -8.93 -33.91 5.28
C SER A 2 -7.76 -34.59 4.57
N GLY A 3 -6.55 -34.21 4.97
CA GLY A 3 -5.36 -34.76 4.37
C GLY A 3 -4.69 -33.76 3.47
N ARG A 4 -4.97 -32.48 3.68
CA ARG A 4 -4.38 -31.42 2.86
C ARG A 4 -2.96 -31.07 3.30
N LEU A 5 -2.58 -31.52 4.51
CA LEU A 5 -1.25 -31.27 5.02
C LEU A 5 -0.56 -32.58 5.40
N THR A 6 -1.11 -33.69 4.91
CA THR A 6 -0.56 -35.02 5.14
C THR A 6 0.89 -35.10 4.68
N GLY A 7 1.77 -35.50 5.58
CA GLY A 7 3.18 -35.59 5.23
C GLY A 7 3.96 -34.35 5.61
N LYS A 8 3.26 -33.31 6.07
CA LYS A 8 3.91 -32.07 6.46
C LYS A 8 4.17 -32.03 7.97
N VAL A 9 5.32 -31.48 8.36
CA VAL A 9 5.66 -31.33 9.76
C VAL A 9 5.72 -29.84 10.01
N ALA A 10 5.02 -29.38 11.04
CA ALA A 10 4.98 -27.97 11.37
C ALA A 10 5.41 -27.62 12.78
N LEU A 11 5.97 -26.42 12.90
CA LEU A 11 6.42 -25.88 14.17
C LEU A 11 5.60 -24.60 14.39
N VAL A 12 4.89 -24.55 15.51
CA VAL A 12 4.07 -23.39 15.84
C VAL A 12 4.51 -22.77 17.16
N SER A 13 4.87 -21.49 17.13
CA SER A 13 5.28 -20.81 18.36
C SER A 13 4.04 -20.21 19.01
N GLY A 14 4.02 -20.19 20.34
CA GLY A 14 2.88 -19.65 21.06
C GLY A 14 1.62 -20.45 20.79
N GLY A 15 1.77 -21.77 20.73
CA GLY A 15 0.63 -22.63 20.45
C GLY A 15 -0.13 -23.23 21.62
N ALA A 16 0.13 -22.77 22.84
CA ALA A 16 -0.55 -23.30 24.02
C ALA A 16 -1.98 -22.80 24.19
N ARG A 17 -2.29 -21.65 23.59
CA ARG A 17 -3.64 -21.12 23.70
C ARG A 17 -3.94 -20.13 22.57
N GLY A 18 -5.15 -19.58 22.59
CA GLY A 18 -5.56 -18.62 21.58
C GLY A 18 -5.47 -19.13 20.16
N MET A 19 -5.10 -18.25 19.24
CA MET A 19 -4.99 -18.63 17.83
C MET A 19 -3.97 -19.73 17.60
N GLY A 20 -2.87 -19.67 18.34
CA GLY A 20 -1.83 -20.68 18.19
C GLY A 20 -2.39 -22.07 18.41
N ALA A 21 -3.16 -22.25 19.48
CA ALA A 21 -3.75 -23.53 19.79
C ALA A 21 -4.68 -23.95 18.65
N SER A 22 -5.47 -22.99 18.17
CA SER A 22 -6.39 -23.25 17.07
C SER A 22 -5.63 -23.70 15.82
N HIS A 23 -4.48 -23.10 15.55
CA HIS A 23 -3.71 -23.48 14.38
C HIS A 23 -3.21 -24.92 14.49
N VAL A 24 -2.74 -25.28 15.69
CA VAL A 24 -2.25 -26.63 15.95
C VAL A 24 -3.36 -27.65 15.66
N ARG A 25 -4.52 -27.42 16.24
CA ARG A 25 -5.66 -28.32 16.05
C ARG A 25 -6.09 -28.41 14.58
N ALA A 26 -6.15 -27.26 13.90
CA ALA A 26 -6.55 -27.23 12.50
C ALA A 26 -5.57 -27.98 11.61
N MET A 27 -4.27 -27.82 11.86
CA MET A 27 -3.27 -28.50 11.05
C MET A 27 -3.24 -30.00 11.29
N VAL A 28 -3.49 -30.42 12.52
CA VAL A 28 -3.51 -31.84 12.84
C VAL A 28 -4.70 -32.48 12.13
N ALA A 29 -5.83 -31.78 12.15
CA ALA A 29 -7.04 -32.28 11.50
C ALA A 29 -6.83 -32.44 10.00
N GLU A 30 -5.84 -31.75 9.44
CA GLU A 30 -5.56 -31.85 8.01
C GLU A 30 -4.42 -32.82 7.71
N GLY A 31 -4.03 -33.60 8.71
CA GLY A 31 -2.99 -34.60 8.51
C GLY A 31 -1.55 -34.23 8.79
N ALA A 32 -1.31 -33.08 9.40
CA ALA A 32 0.06 -32.67 9.69
C ALA A 32 0.53 -33.11 11.08
N LYS A 33 1.85 -33.22 11.24
CA LYS A 33 2.45 -33.55 12.52
C LYS A 33 2.90 -32.20 13.03
N VAL A 34 2.53 -31.87 14.26
CA VAL A 34 2.86 -30.56 14.80
C VAL A 34 3.64 -30.52 16.10
N VAL A 35 4.68 -29.70 16.10
CA VAL A 35 5.48 -29.47 17.28
C VAL A 35 5.12 -28.04 17.65
N PHE A 36 4.55 -27.84 18.83
CA PHE A 36 4.18 -26.50 19.24
C PHE A 36 4.88 -26.13 20.54
N GLY A 37 5.36 -24.89 20.62
CA GLY A 37 6.05 -24.43 21.80
C GLY A 37 5.40 -23.21 22.40
N ASP A 38 5.68 -22.97 23.67
CA ASP A 38 5.12 -21.83 24.39
C ASP A 38 5.86 -21.73 25.72
N ILE A 39 5.37 -20.86 26.60
CA ILE A 39 5.97 -20.69 27.91
C ILE A 39 4.95 -21.07 28.98
N LEU A 40 3.75 -21.44 28.53
CA LEU A 40 2.69 -21.87 29.42
C LEU A 40 2.71 -23.41 29.39
N ASP A 41 3.70 -23.99 30.06
CA ASP A 41 3.87 -25.44 30.09
C ASP A 41 2.68 -26.29 30.56
N GLU A 42 1.96 -25.83 31.57
CA GLU A 42 0.82 -26.58 32.07
C GLU A 42 -0.21 -26.79 30.95
N GLU A 43 -0.66 -25.68 30.35
CA GLU A 43 -1.63 -25.75 29.27
C GLU A 43 -1.07 -26.49 28.07
N GLY A 44 0.22 -26.26 27.79
CA GLY A 44 0.85 -26.92 26.66
C GLY A 44 0.84 -28.43 26.76
N LYS A 45 1.27 -28.95 27.91
CA LYS A 45 1.30 -30.39 28.11
C LYS A 45 -0.11 -30.95 28.15
N ALA A 46 -1.05 -30.14 28.64
CA ALA A 46 -2.44 -30.56 28.72
C ALA A 46 -2.98 -30.93 27.33
N MET A 47 -2.92 -30.00 26.38
CA MET A 47 -3.43 -30.30 25.05
C MET A 47 -2.52 -31.19 24.23
N ALA A 48 -1.28 -31.36 24.66
CA ALA A 48 -0.37 -32.25 23.95
C ALA A 48 -0.88 -33.67 24.19
N ALA A 49 -1.62 -33.81 25.29
CA ALA A 49 -2.18 -35.08 25.69
C ALA A 49 -3.40 -35.50 24.85
N GLU A 50 -4.28 -34.55 24.57
CA GLU A 50 -5.47 -34.88 23.79
C GLU A 50 -5.26 -35.08 22.28
N LEU A 51 -4.09 -34.71 21.76
CA LEU A 51 -3.75 -34.86 20.31
C LEU A 51 -2.97 -36.05 20.02
N ALA A 52 -2.47 -36.63 21.10
CA ALA A 52 -1.71 -37.84 21.02
C ALA A 52 -0.34 -37.84 20.36
N ASP A 53 -0.16 -38.65 19.33
CA ASP A 53 1.17 -38.70 18.74
C ASP A 53 1.33 -37.91 17.49
N ALA A 54 0.46 -36.94 17.34
CA ALA A 54 0.44 -36.12 16.17
C ALA A 54 1.12 -34.78 16.47
N ALA A 55 1.08 -34.52 17.77
CA ALA A 55 1.55 -33.30 18.40
C ALA A 55 2.54 -33.53 19.55
N ARG A 56 3.59 -32.73 19.55
CA ARG A 56 4.62 -32.76 20.60
C ARG A 56 4.71 -31.34 21.14
N TYR A 57 4.67 -31.20 22.47
CA TYR A 57 4.80 -29.89 23.10
C TYR A 57 6.23 -29.74 23.60
N VAL A 58 6.77 -28.52 23.48
CA VAL A 58 8.12 -28.24 23.97
C VAL A 58 8.08 -26.85 24.57
N HIS A 59 8.92 -26.62 25.57
CA HIS A 59 8.96 -25.32 26.18
C HIS A 59 9.75 -24.46 25.21
N LEU A 60 9.20 -23.31 24.83
CA LEU A 60 9.90 -22.44 23.88
C LEU A 60 9.68 -20.96 24.11
N ASP A 61 10.73 -20.28 24.55
CA ASP A 61 10.67 -18.84 24.76
C ASP A 61 11.30 -18.34 23.46
N VAL A 62 10.47 -17.76 22.59
CA VAL A 62 10.94 -17.27 21.28
C VAL A 62 12.11 -16.28 21.30
N THR A 63 12.47 -15.78 22.48
CA THR A 63 13.60 -14.83 22.57
C THR A 63 14.91 -15.56 22.83
N GLN A 64 14.86 -16.87 23.04
CA GLN A 64 16.04 -17.68 23.33
C GLN A 64 16.43 -18.57 22.16
N PRO A 65 17.47 -18.19 21.40
CA PRO A 65 17.88 -19.02 20.27
C PRO A 65 18.13 -20.50 20.57
N ALA A 66 18.63 -20.80 21.76
CA ALA A 66 18.92 -22.17 22.14
C ALA A 66 17.65 -23.01 22.19
N GLN A 67 16.57 -22.40 22.67
CA GLN A 67 15.30 -23.10 22.76
C GLN A 67 14.70 -23.34 21.37
N TRP A 68 14.95 -22.41 20.45
CA TRP A 68 14.45 -22.57 19.09
C TRP A 68 15.12 -23.79 18.49
N LYS A 69 16.42 -23.92 18.69
CA LYS A 69 17.17 -25.05 18.16
C LYS A 69 16.63 -26.36 18.71
N ALA A 70 16.32 -26.38 20.00
CA ALA A 70 15.79 -27.57 20.64
C ALA A 70 14.45 -27.93 20.02
N ALA A 71 13.63 -26.91 19.76
CA ALA A 71 12.30 -27.12 19.16
C ALA A 71 12.45 -27.73 17.77
N VAL A 72 13.38 -27.20 17.00
CA VAL A 72 13.61 -27.71 15.65
C VAL A 72 14.14 -29.15 15.69
N ASP A 73 15.08 -29.44 16.59
CA ASP A 73 15.64 -30.78 16.70
C ASP A 73 14.54 -31.78 17.04
N THR A 74 13.61 -31.36 17.91
CA THR A 74 12.51 -32.21 18.31
C THR A 74 11.70 -32.60 17.08
N ALA A 75 11.34 -31.59 16.28
CA ALA A 75 10.55 -31.82 15.07
C ALA A 75 11.23 -32.79 14.12
N VAL A 76 12.50 -32.51 13.83
CA VAL A 76 13.27 -33.33 12.91
C VAL A 76 13.47 -34.77 13.36
N THR A 77 13.86 -34.98 14.62
CA THR A 77 14.08 -36.34 15.09
C THR A 77 12.77 -37.09 15.36
N ALA A 78 11.76 -36.41 15.90
CA ALA A 78 10.50 -37.08 16.19
C ALA A 78 9.63 -37.35 14.96
N PHE A 79 9.65 -36.43 13.98
CA PHE A 79 8.81 -36.59 12.79
C PHE A 79 9.53 -36.68 11.45
N GLY A 80 10.86 -36.59 11.46
CA GLY A 80 11.60 -36.73 10.22
C GLY A 80 11.93 -35.49 9.42
N GLY A 81 11.39 -34.34 9.81
CA GLY A 81 11.69 -33.13 9.07
C GLY A 81 10.87 -31.94 9.53
N LEU A 82 11.00 -30.82 8.81
CA LEU A 82 10.28 -29.60 9.13
C LEU A 82 9.98 -28.87 7.84
N HIS A 83 8.69 -28.67 7.58
CA HIS A 83 8.25 -28.03 6.34
C HIS A 83 7.48 -26.72 6.56
N VAL A 84 6.93 -26.56 7.75
CA VAL A 84 6.15 -25.37 8.05
C VAL A 84 6.48 -24.72 9.38
N LEU A 85 6.57 -23.40 9.36
CA LEU A 85 6.82 -22.62 10.56
C LEU A 85 5.74 -21.55 10.67
N VAL A 86 5.08 -21.49 11.82
CA VAL A 86 4.06 -20.49 12.03
C VAL A 86 4.53 -19.61 13.19
N ASN A 87 5.07 -18.45 12.88
CA ASN A 87 5.53 -17.50 13.89
C ASN A 87 4.33 -16.80 14.48
N ASN A 88 3.69 -17.45 15.44
CA ASN A 88 2.49 -16.92 16.06
C ASN A 88 2.67 -16.25 17.42
N ALA A 89 3.67 -16.66 18.19
CA ALA A 89 3.89 -16.08 19.52
C ALA A 89 4.02 -14.56 19.49
N GLY A 90 3.37 -13.90 20.44
CA GLY A 90 3.44 -12.45 20.51
C GLY A 90 2.75 -11.91 21.74
N ILE A 91 3.04 -10.66 22.08
CA ILE A 91 2.41 -10.03 23.23
C ILE A 91 1.85 -8.67 22.84
N LEU A 92 1.01 -8.13 23.71
CA LEU A 92 0.40 -6.84 23.48
C LEU A 92 0.49 -5.96 24.72
N ASN A 93 1.05 -4.77 24.56
CA ASN A 93 1.11 -3.82 25.67
C ASN A 93 0.74 -2.47 25.06
N ILE A 94 0.21 -1.56 25.87
CA ILE A 94 -0.19 -0.26 25.36
C ILE A 94 0.36 0.88 26.20
N GLY A 95 0.16 2.10 25.72
CA GLY A 95 0.63 3.26 26.44
C GLY A 95 0.91 4.42 25.51
N THR A 96 0.67 5.63 26.00
CA THR A 96 0.90 6.82 25.22
C THR A 96 2.41 7.03 25.13
N ILE A 97 2.83 7.91 24.24
CA ILE A 97 4.24 8.20 24.04
C ILE A 97 4.98 8.55 25.33
N GLU A 98 4.39 9.43 26.13
CA GLU A 98 4.99 9.87 27.38
C GLU A 98 5.13 8.81 28.48
N ASP A 99 4.02 8.17 28.84
CA ASP A 99 4.08 7.17 29.91
C ASP A 99 4.22 5.71 29.48
N TYR A 100 4.95 5.48 28.40
CA TYR A 100 5.19 4.13 27.90
C TYR A 100 6.62 3.78 28.31
N ALA A 101 6.77 2.80 29.19
CA ALA A 101 8.08 2.40 29.70
C ALA A 101 9.03 1.86 28.64
N LEU A 102 10.28 2.29 28.69
CA LEU A 102 11.28 1.83 27.74
C LEU A 102 11.47 0.32 27.84
N THR A 103 11.18 -0.24 29.01
CA THR A 103 11.33 -1.68 29.19
C THR A 103 10.23 -2.43 28.46
N GLU A 104 9.02 -1.85 28.42
CA GLU A 104 7.91 -2.48 27.72
C GLU A 104 8.22 -2.43 26.22
N TRP A 105 8.82 -1.33 25.80
CA TRP A 105 9.19 -1.14 24.41
C TRP A 105 10.19 -2.20 23.99
N GLN A 106 11.22 -2.40 24.82
CA GLN A 106 12.24 -3.41 24.52
C GLN A 106 11.66 -4.82 24.54
N ARG A 107 10.78 -5.06 25.50
CA ARG A 107 10.17 -6.36 25.65
C ARG A 107 9.38 -6.77 24.41
N ILE A 108 8.55 -5.86 23.91
CA ILE A 108 7.74 -6.16 22.74
C ILE A 108 8.60 -6.32 21.49
N LEU A 109 9.72 -5.61 21.42
CA LEU A 109 10.62 -5.72 20.28
C LEU A 109 11.25 -7.11 20.28
N ASP A 110 11.64 -7.58 21.46
CA ASP A 110 12.27 -8.89 21.61
C ASP A 110 11.36 -10.04 21.19
N VAL A 111 10.14 -10.03 21.71
CA VAL A 111 9.17 -11.07 21.42
C VAL A 111 8.56 -11.00 20.02
N ASN A 112 7.88 -9.89 19.73
CA ASN A 112 7.21 -9.70 18.45
C ASN A 112 8.07 -9.55 17.19
N LEU A 113 9.29 -9.04 17.34
CA LEU A 113 10.15 -8.86 16.18
C LEU A 113 11.36 -9.79 16.15
N THR A 114 12.22 -9.69 17.17
CA THR A 114 13.41 -10.55 17.23
C THR A 114 13.02 -12.01 17.31
N GLY A 115 11.93 -12.29 18.03
CA GLY A 115 11.46 -13.66 18.16
C GLY A 115 11.15 -14.26 16.80
N VAL A 116 10.51 -13.48 15.94
CA VAL A 116 10.16 -13.92 14.61
C VAL A 116 11.43 -14.15 13.77
N PHE A 117 12.39 -13.25 13.92
CA PHE A 117 13.64 -13.38 13.17
C PHE A 117 14.38 -14.65 13.61
N LEU A 118 14.42 -14.91 14.91
CA LEU A 118 15.11 -16.09 15.43
C LEU A 118 14.47 -17.39 14.92
N GLY A 119 13.15 -17.39 14.84
CA GLY A 119 12.44 -18.57 14.35
C GLY A 119 12.81 -18.87 12.90
N ILE A 120 12.93 -17.83 12.09
CA ILE A 120 13.28 -18.01 10.69
C ILE A 120 14.70 -18.54 10.55
N ARG A 121 15.64 -17.98 11.32
CA ARG A 121 17.03 -18.43 11.26
C ARG A 121 17.14 -19.90 11.65
N ALA A 122 16.32 -20.30 12.62
CA ALA A 122 16.34 -21.67 13.11
C ALA A 122 15.79 -22.72 12.16
N VAL A 123 14.84 -22.36 11.30
CA VAL A 123 14.25 -23.35 10.40
C VAL A 123 14.79 -23.40 8.98
N VAL A 124 15.60 -22.44 8.58
CA VAL A 124 16.10 -22.43 7.22
C VAL A 124 16.94 -23.64 6.85
N LYS A 125 17.78 -24.12 7.77
CA LYS A 125 18.64 -25.25 7.46
C LYS A 125 17.86 -26.49 7.03
N PRO A 126 16.96 -27.01 7.89
CA PRO A 126 16.19 -28.19 7.48
C PRO A 126 15.31 -27.95 6.25
N MET A 127 14.75 -26.76 6.11
CA MET A 127 13.91 -26.46 4.96
C MET A 127 14.72 -26.41 3.68
N LYS A 128 15.92 -25.83 3.74
CA LYS A 128 16.77 -25.75 2.55
C LYS A 128 17.22 -27.13 2.09
N GLU A 129 17.39 -28.05 3.04
CA GLU A 129 17.81 -29.40 2.70
C GLU A 129 16.66 -30.14 2.05
N ALA A 130 15.45 -29.92 2.55
CA ALA A 130 14.26 -30.58 2.01
C ALA A 130 13.84 -30.06 0.64
N GLY A 131 14.41 -28.93 0.21
CA GLY A 131 14.06 -28.40 -1.10
C GLY A 131 12.94 -27.38 -1.11
N ARG A 132 12.14 -27.35 -0.06
CA ARG A 132 11.05 -26.39 0.03
C ARG A 132 10.48 -26.21 1.43
N GLY A 133 9.64 -25.20 1.59
CA GLY A 133 9.04 -24.94 2.89
C GLY A 133 8.15 -23.71 2.89
N SER A 134 7.42 -23.53 3.98
CA SER A 134 6.50 -22.42 4.10
C SER A 134 6.58 -21.77 5.47
N ILE A 135 6.93 -20.49 5.49
CA ILE A 135 7.03 -19.75 6.73
C ILE A 135 5.87 -18.75 6.76
N ILE A 136 5.09 -18.82 7.83
CA ILE A 136 3.92 -17.95 7.99
C ILE A 136 4.10 -17.04 9.20
N ASN A 137 4.28 -15.75 8.94
CA ASN A 137 4.45 -14.76 10.00
C ASN A 137 3.12 -14.08 10.33
N ILE A 138 2.75 -14.13 11.61
CA ILE A 138 1.51 -13.52 12.05
C ILE A 138 1.71 -12.06 12.43
N SER A 139 1.24 -11.15 11.57
CA SER A 139 1.31 -9.72 11.82
C SER A 139 -0.10 -9.35 12.30
N SER A 140 -0.66 -8.26 11.78
CA SER A 140 -2.01 -7.83 12.12
C SER A 140 -2.34 -6.59 11.30
N ILE A 141 -3.58 -6.10 11.37
CA ILE A 141 -3.90 -4.91 10.60
C ILE A 141 -3.19 -3.71 11.22
N GLU A 142 -2.67 -3.88 12.44
CA GLU A 142 -1.92 -2.80 13.09
C GLU A 142 -0.54 -2.71 12.41
N GLY A 143 -0.31 -3.63 11.48
CA GLY A 143 0.93 -3.63 10.73
C GLY A 143 0.66 -3.00 9.37
N LEU A 144 -0.55 -2.45 9.22
CA LEU A 144 -0.96 -1.83 7.97
C LEU A 144 -1.31 -0.36 8.18
N ALA A 145 -1.83 -0.04 9.36
CA ALA A 145 -2.19 1.33 9.72
C ALA A 145 -1.95 1.51 11.21
N GLY A 146 -2.02 2.76 11.67
CA GLY A 146 -1.76 3.05 13.07
C GLY A 146 -2.94 3.08 14.02
N THR A 147 -2.61 3.11 15.31
CA THR A 147 -3.57 3.17 16.39
C THR A 147 -2.95 3.97 17.51
N VAL A 148 -3.77 4.77 18.19
CA VAL A 148 -3.30 5.59 19.29
C VAL A 148 -2.81 4.72 20.45
N ALA A 149 -1.76 5.16 21.13
CA ALA A 149 -1.19 4.46 22.29
C ALA A 149 -0.83 3.00 22.01
N CYS A 150 -0.43 2.72 20.78
CA CYS A 150 -0.08 1.35 20.38
C CYS A 150 1.23 1.36 19.59
N HIS A 151 2.18 2.15 20.06
CA HIS A 151 3.46 2.32 19.39
C HIS A 151 4.38 1.10 19.27
N GLY A 152 4.53 0.36 20.36
CA GLY A 152 5.39 -0.81 20.30
C GLY A 152 4.77 -1.89 19.42
N TYR A 153 3.49 -2.15 19.62
CA TYR A 153 2.78 -3.16 18.86
C TYR A 153 2.76 -2.82 17.36
N THR A 154 2.42 -1.57 17.03
CA THR A 154 2.37 -1.12 15.64
C THR A 154 3.75 -1.23 14.98
N ALA A 155 4.78 -0.76 15.67
CA ALA A 155 6.13 -0.80 15.13
C ALA A 155 6.57 -2.23 14.80
N THR A 156 6.36 -3.16 15.72
CA THR A 156 6.76 -4.53 15.51
C THR A 156 5.94 -5.25 14.43
N LYS A 157 4.64 -4.97 14.38
CA LYS A 157 3.80 -5.62 13.36
C LYS A 157 4.15 -5.12 11.96
N PHE A 158 4.58 -3.86 11.85
CA PHE A 158 5.00 -3.30 10.57
C PHE A 158 6.35 -3.95 10.19
N ALA A 159 7.20 -4.12 11.20
CA ALA A 159 8.52 -4.70 10.99
C ALA A 159 8.40 -6.15 10.51
N VAL A 160 7.50 -6.91 11.12
CA VAL A 160 7.29 -8.31 10.76
C VAL A 160 6.84 -8.38 9.30
N ARG A 161 6.03 -7.40 8.90
CA ARG A 161 5.52 -7.31 7.54
C ARG A 161 6.70 -7.10 6.57
N GLY A 162 7.65 -6.25 6.98
CA GLY A 162 8.81 -5.98 6.14
C GLY A 162 9.80 -7.15 6.14
N LEU A 163 10.01 -7.75 7.30
CA LEU A 163 10.92 -8.88 7.41
C LEU A 163 10.44 -10.03 6.53
N THR A 164 9.12 -10.12 6.36
CA THR A 164 8.51 -11.15 5.54
C THR A 164 8.96 -11.02 4.07
N LYS A 165 9.03 -9.79 3.60
CA LYS A 165 9.42 -9.53 2.22
C LYS A 165 10.90 -9.77 1.93
N SER A 166 11.77 -9.27 2.79
CA SER A 166 13.21 -9.45 2.56
C SER A 166 13.60 -10.91 2.64
N THR A 167 13.03 -11.66 3.58
CA THR A 167 13.37 -13.08 3.69
C THR A 167 12.75 -13.91 2.57
N ALA A 168 11.61 -13.48 2.06
CA ALA A 168 10.95 -14.19 0.97
C ALA A 168 11.81 -14.10 -0.29
N LEU A 169 12.40 -12.93 -0.53
CA LEU A 169 13.24 -12.75 -1.71
C LEU A 169 14.51 -13.58 -1.61
N GLU A 170 15.09 -13.64 -0.42
CA GLU A 170 16.31 -14.40 -0.20
C GLU A 170 16.11 -15.90 -0.24
N LEU A 171 15.01 -16.38 0.36
CA LEU A 171 14.74 -17.82 0.41
C LEU A 171 14.02 -18.41 -0.79
N GLY A 172 13.43 -17.54 -1.60
CA GLY A 172 12.70 -18.00 -2.77
C GLY A 172 13.49 -19.00 -3.62
N PRO A 173 14.74 -18.70 -3.98
CA PRO A 173 15.55 -19.63 -4.79
C PRO A 173 15.72 -21.01 -4.18
N SER A 174 15.53 -21.14 -2.88
CA SER A 174 15.67 -22.42 -2.20
C SER A 174 14.34 -23.16 -2.08
N GLY A 175 13.30 -22.60 -2.68
CA GLY A 175 12.00 -23.23 -2.64
C GLY A 175 11.21 -22.96 -1.38
N ILE A 176 11.63 -21.95 -0.61
CA ILE A 176 10.95 -21.62 0.63
C ILE A 176 10.10 -20.35 0.46
N ARG A 177 8.83 -20.44 0.85
CA ARG A 177 7.93 -19.30 0.74
C ARG A 177 7.73 -18.63 2.10
N VAL A 178 7.63 -17.31 2.10
CA VAL A 178 7.42 -16.57 3.35
C VAL A 178 6.28 -15.57 3.12
N ASN A 179 5.22 -15.66 3.92
CA ASN A 179 4.08 -14.76 3.80
C ASN A 179 3.61 -14.28 5.17
N SER A 180 2.93 -13.14 5.19
CA SER A 180 2.43 -12.63 6.45
C SER A 180 0.90 -12.60 6.47
N ILE A 181 0.33 -12.88 7.64
CA ILE A 181 -1.12 -12.87 7.83
C ILE A 181 -1.47 -11.67 8.70
N HIS A 182 -2.50 -10.92 8.30
CA HIS A 182 -2.91 -9.75 9.04
C HIS A 182 -4.35 -9.84 9.48
N PRO A 183 -4.60 -10.40 10.68
CA PRO A 183 -6.00 -10.48 11.08
C PRO A 183 -6.51 -9.25 11.82
N GLY A 184 -7.83 -9.10 11.87
CA GLY A 184 -8.45 -8.00 12.57
C GLY A 184 -8.72 -8.50 13.97
N LEU A 185 -9.86 -8.12 14.56
CA LEU A 185 -10.16 -8.59 15.89
C LEU A 185 -10.59 -10.06 15.90
N VAL A 186 -9.88 -10.86 16.69
CA VAL A 186 -10.18 -12.28 16.82
C VAL A 186 -10.47 -12.56 18.30
N LYS A 187 -11.45 -13.41 18.57
CA LYS A 187 -11.81 -13.76 19.93
C LYS A 187 -10.79 -14.68 20.62
N THR A 188 -9.87 -14.10 21.39
CA THR A 188 -8.84 -14.86 22.11
C THR A 188 -8.57 -14.19 23.45
N PRO A 189 -7.82 -14.86 24.34
CA PRO A 189 -7.55 -14.24 25.65
C PRO A 189 -6.78 -12.92 25.56
N MET A 190 -6.08 -12.68 24.45
CA MET A 190 -5.32 -11.44 24.29
C MET A 190 -6.24 -10.24 24.10
N THR A 191 -7.47 -10.47 23.66
CA THR A 191 -8.40 -9.38 23.42
C THR A 191 -9.82 -9.59 23.95
N ASP A 192 -9.98 -10.45 24.95
CA ASP A 192 -11.31 -10.70 25.51
C ASP A 192 -11.86 -9.51 26.31
N TRP A 193 -11.01 -8.53 26.59
CA TRP A 193 -11.40 -7.34 27.33
C TRP A 193 -11.81 -6.22 26.38
N VAL A 194 -11.67 -6.47 25.08
CA VAL A 194 -11.98 -5.49 24.06
C VAL A 194 -13.36 -5.75 23.46
N PRO A 195 -14.17 -4.70 23.32
CA PRO A 195 -15.51 -4.88 22.75
C PRO A 195 -15.39 -5.44 21.32
N GLU A 196 -16.14 -6.50 21.05
CA GLU A 196 -16.13 -7.17 19.75
C GLU A 196 -16.40 -6.30 18.52
N ASP A 197 -16.88 -5.07 18.71
CA ASP A 197 -17.17 -4.21 17.58
C ASP A 197 -16.32 -2.94 17.61
N ILE A 198 -15.12 -3.03 18.16
CA ILE A 198 -14.21 -1.88 18.25
C ILE A 198 -13.81 -1.39 16.86
N PHE A 199 -13.70 -2.32 15.91
CA PHE A 199 -13.34 -1.98 14.54
C PHE A 199 -14.57 -1.87 13.66
N GLN A 200 -14.53 -0.97 12.70
CA GLN A 200 -15.62 -0.85 11.75
C GLN A 200 -15.33 -1.97 10.75
N THR A 201 -16.23 -2.95 10.64
CA THR A 201 -16.02 -4.05 9.71
C THR A 201 -17.20 -4.11 8.73
N ALA A 202 -16.99 -4.76 7.59
CA ALA A 202 -18.05 -4.88 6.62
C ALA A 202 -18.95 -6.06 6.98
N LEU A 203 -18.38 -7.07 7.63
CA LEU A 203 -19.15 -8.26 8.03
C LEU A 203 -19.92 -8.05 9.35
N GLY A 204 -19.57 -7.00 10.09
CA GLY A 204 -20.24 -6.70 11.34
C GLY A 204 -20.06 -7.69 12.47
N ARG A 205 -18.83 -8.17 12.66
CA ARG A 205 -18.56 -9.10 13.73
C ARG A 205 -17.07 -9.37 13.86
N ALA A 206 -16.68 -9.93 15.00
CA ALA A 206 -15.29 -10.27 15.25
C ALA A 206 -15.12 -11.66 14.66
N ALA A 207 -13.88 -12.07 14.45
CA ALA A 207 -13.62 -13.38 13.87
C ALA A 207 -13.43 -14.48 14.90
N GLU A 208 -13.75 -15.70 14.47
CA GLU A 208 -13.56 -16.87 15.30
C GLU A 208 -12.15 -17.30 14.93
N PRO A 209 -11.35 -17.75 15.90
CA PRO A 209 -9.99 -18.16 15.57
C PRO A 209 -9.82 -19.16 14.42
N VAL A 210 -10.80 -20.05 14.24
CA VAL A 210 -10.69 -21.02 13.16
C VAL A 210 -10.66 -20.33 11.79
N GLU A 211 -11.29 -19.16 11.70
CA GLU A 211 -11.32 -18.42 10.45
C GLU A 211 -9.93 -17.95 10.04
N VAL A 212 -9.05 -17.77 11.01
CA VAL A 212 -7.68 -17.37 10.71
C VAL A 212 -6.88 -18.65 10.47
N SER A 213 -7.23 -19.73 11.18
CA SER A 213 -6.55 -21.00 11.01
C SER A 213 -6.71 -21.53 9.58
N ASN A 214 -7.89 -21.32 8.99
CA ASN A 214 -8.14 -21.77 7.62
C ASN A 214 -7.13 -21.15 6.67
N LEU A 215 -6.77 -19.91 6.93
CA LEU A 215 -5.80 -19.21 6.10
C LEU A 215 -4.40 -19.77 6.34
N VAL A 216 -4.13 -20.18 7.58
CA VAL A 216 -2.84 -20.76 7.93
C VAL A 216 -2.66 -22.08 7.18
N VAL A 217 -3.71 -22.90 7.16
CA VAL A 217 -3.65 -24.17 6.46
C VAL A 217 -3.40 -23.94 4.96
N TYR A 218 -4.13 -22.99 4.37
CA TYR A 218 -3.96 -22.68 2.96
C TYR A 218 -2.50 -22.29 2.64
N LEU A 219 -1.93 -21.41 3.46
CA LEU A 219 -0.56 -20.97 3.24
C LEU A 219 0.48 -22.07 3.54
N ALA A 220 0.13 -23.00 4.42
CA ALA A 220 1.02 -24.10 4.77
C ALA A 220 1.01 -25.19 3.69
N SER A 221 -0.13 -25.34 3.01
CA SER A 221 -0.28 -26.35 1.96
C SER A 221 0.42 -25.92 0.69
N ASP A 222 0.54 -26.85 -0.25
CA ASP A 222 1.20 -26.56 -1.52
C ASP A 222 0.25 -25.89 -2.51
N GLU A 223 -0.99 -25.67 -2.08
CA GLU A 223 -1.99 -25.01 -2.92
C GLU A 223 -1.58 -23.56 -3.19
N SER A 224 -0.92 -22.95 -2.21
CA SER A 224 -0.46 -21.57 -2.32
C SER A 224 0.97 -21.48 -2.86
N SER A 225 1.36 -22.46 -3.66
CA SER A 225 2.71 -22.55 -4.21
C SER A 225 3.28 -21.31 -4.90
N TYR A 226 2.44 -20.45 -5.45
CA TYR A 226 2.97 -19.28 -6.15
C TYR A 226 2.84 -17.95 -5.39
N SER A 227 2.47 -18.03 -4.12
CA SER A 227 2.36 -16.82 -3.29
C SER A 227 3.51 -16.74 -2.31
N THR A 228 4.28 -15.65 -2.36
CA THR A 228 5.39 -15.48 -1.43
C THR A 228 5.68 -13.99 -1.25
N GLY A 229 6.06 -13.61 -0.03
CA GLY A 229 6.37 -12.22 0.28
C GLY A 229 5.14 -11.34 0.29
N ALA A 230 3.96 -11.95 0.38
CA ALA A 230 2.70 -11.22 0.33
C ALA A 230 1.95 -11.14 1.65
N GLU A 231 1.11 -10.13 1.75
CA GLU A 231 0.27 -9.88 2.92
C GLU A 231 -1.11 -10.46 2.68
N PHE A 232 -1.57 -11.32 3.57
CA PHE A 232 -2.91 -11.89 3.44
C PHE A 232 -3.75 -11.31 4.57
N VAL A 233 -4.73 -10.50 4.20
CA VAL A 233 -5.60 -9.85 5.19
C VAL A 233 -6.88 -10.62 5.45
N VAL A 234 -7.17 -10.81 6.74
CA VAL A 234 -8.38 -11.51 7.18
C VAL A 234 -8.91 -10.66 8.34
N ASP A 235 -9.52 -9.53 7.98
CA ASP A 235 -10.03 -8.56 8.93
C ASP A 235 -11.50 -8.17 8.77
N GLY A 236 -12.27 -8.95 8.02
CA GLY A 236 -13.68 -8.62 7.85
C GLY A 236 -13.97 -7.31 7.13
N GLY A 237 -12.97 -6.77 6.44
CA GLY A 237 -13.17 -5.54 5.68
C GLY A 237 -12.71 -4.22 6.29
N THR A 238 -12.14 -4.26 7.49
CA THR A 238 -11.70 -3.03 8.14
C THR A 238 -10.77 -2.12 7.32
N VAL A 239 -9.62 -2.63 6.89
CA VAL A 239 -8.68 -1.80 6.14
C VAL A 239 -9.10 -1.51 4.70
N ALA A 240 -10.22 -2.08 4.28
CA ALA A 240 -10.71 -1.86 2.93
C ALA A 240 -11.50 -0.56 2.85
N GLY A 241 -11.91 -0.04 4.00
CA GLY A 241 -12.68 1.19 4.01
C GLY A 241 -12.02 2.35 4.75
N LEU A 242 -12.53 3.55 4.52
CA LEU A 242 -12.02 4.76 5.16
C LEU A 242 -12.71 4.96 6.51
N ALA A 243 -11.99 5.50 7.48
CA ALA A 243 -12.55 5.74 8.81
C ALA A 243 -13.57 6.88 8.80
N HIS A 244 -14.84 6.54 9.05
CA HIS A 244 -15.92 7.51 9.08
C HIS A 244 -16.44 7.71 10.50
N ASN A 245 -17.31 8.69 10.69
CA ASN A 245 -17.91 8.97 11.99
C ASN A 245 -19.43 8.77 11.94
N SER B 2 -11.21 -32.11 -2.16
CA SER B 2 -12.42 -32.69 -2.79
C SER B 2 -13.68 -32.35 -1.99
N GLY B 3 -14.72 -31.91 -2.68
CA GLY B 3 -15.96 -31.56 -2.00
C GLY B 3 -15.89 -30.23 -1.25
N ARG B 4 -14.81 -29.46 -1.45
CA ARG B 4 -14.68 -28.17 -0.77
C ARG B 4 -15.65 -27.11 -1.27
N LEU B 5 -16.23 -27.32 -2.44
CA LEU B 5 -17.20 -26.37 -3.00
C LEU B 5 -18.55 -27.03 -3.26
N THR B 6 -18.74 -28.23 -2.68
CA THR B 6 -19.97 -28.99 -2.81
C THR B 6 -21.19 -28.12 -2.46
N GLY B 7 -22.18 -28.11 -3.34
CA GLY B 7 -23.37 -27.31 -3.05
C GLY B 7 -23.28 -25.87 -3.52
N LYS B 8 -22.12 -25.49 -4.05
CA LYS B 8 -21.92 -24.13 -4.55
C LYS B 8 -22.14 -24.05 -6.06
N VAL B 9 -22.75 -22.97 -6.52
CA VAL B 9 -22.98 -22.75 -7.94
C VAL B 9 -22.16 -21.51 -8.29
N ALA B 10 -21.35 -21.62 -9.33
CA ALA B 10 -20.50 -20.50 -9.73
C ALA B 10 -20.69 -20.06 -11.18
N LEU B 11 -20.43 -18.78 -11.39
CA LEU B 11 -20.50 -18.16 -12.71
C LEU B 11 -19.11 -17.61 -12.98
N VAL B 12 -18.51 -18.05 -14.09
CA VAL B 12 -17.17 -17.61 -14.47
C VAL B 12 -17.19 -16.94 -15.83
N SER B 13 -16.73 -15.69 -15.89
CA SER B 13 -16.71 -14.99 -17.16
C SER B 13 -15.36 -15.27 -17.83
N GLY B 14 -15.36 -15.33 -19.16
CA GLY B 14 -14.14 -15.61 -19.89
C GLY B 14 -13.57 -16.97 -19.54
N GLY B 15 -14.45 -17.96 -19.40
CA GLY B 15 -14.01 -19.29 -19.03
C GLY B 15 -13.76 -20.30 -20.14
N ALA B 16 -13.75 -19.85 -21.40
CA ALA B 16 -13.53 -20.77 -22.51
C ALA B 16 -12.08 -21.20 -22.69
N ARG B 17 -11.15 -20.41 -22.15
CA ARG B 17 -9.73 -20.75 -22.28
C ARG B 17 -8.90 -20.06 -21.21
N GLY B 18 -7.59 -20.31 -21.24
CA GLY B 18 -6.68 -19.70 -20.29
C GLY B 18 -7.01 -19.98 -18.83
N MET B 19 -6.80 -18.99 -17.98
CA MET B 19 -7.08 -19.15 -16.56
C MET B 19 -8.54 -19.44 -16.27
N GLY B 20 -9.42 -18.80 -17.05
CA GLY B 20 -10.85 -19.00 -16.86
C GLY B 20 -11.21 -20.47 -16.99
N ALA B 21 -10.68 -21.13 -18.02
CA ALA B 21 -10.97 -22.55 -18.23
C ALA B 21 -10.43 -23.34 -17.04
N SER B 22 -9.23 -22.99 -16.59
CA SER B 22 -8.61 -23.67 -15.46
C SER B 22 -9.47 -23.52 -14.20
N HIS B 23 -10.06 -22.33 -14.01
CA HIS B 23 -10.89 -22.12 -12.82
C HIS B 23 -12.13 -23.00 -12.87
N VAL B 24 -12.74 -23.09 -14.04
CA VAL B 24 -13.93 -23.92 -14.23
C VAL B 24 -13.63 -25.37 -13.85
N ARG B 25 -12.55 -25.91 -14.42
CA ARG B 25 -12.15 -27.28 -14.13
C ARG B 25 -11.82 -27.50 -12.65
N ALA B 26 -11.10 -26.56 -12.06
CA ALA B 26 -10.72 -26.68 -10.65
C ALA B 26 -11.94 -26.65 -9.72
N MET B 27 -12.91 -25.79 -10.01
CA MET B 27 -14.10 -25.71 -9.18
C MET B 27 -15.00 -26.92 -9.33
N VAL B 28 -15.07 -27.47 -10.54
CA VAL B 28 -15.88 -28.67 -10.76
C VAL B 28 -15.28 -29.84 -9.98
N ALA B 29 -13.95 -29.94 -10.02
CA ALA B 29 -13.25 -30.99 -9.31
C ALA B 29 -13.48 -30.90 -7.80
N GLU B 30 -13.88 -29.73 -7.32
CA GLU B 30 -14.13 -29.56 -5.89
C GLU B 30 -15.62 -29.67 -5.54
N GLY B 31 -16.41 -30.13 -6.50
CA GLY B 31 -17.84 -30.32 -6.26
C GLY B 31 -18.79 -29.20 -6.60
N ALA B 32 -18.33 -28.17 -7.29
CA ALA B 32 -19.21 -27.07 -7.63
C ALA B 32 -19.87 -27.24 -9.01
N LYS B 33 -21.01 -26.57 -9.19
CA LYS B 33 -21.71 -26.57 -10.46
C LYS B 33 -21.30 -25.25 -11.08
N VAL B 34 -20.84 -25.28 -12.32
CA VAL B 34 -20.36 -24.07 -12.94
C VAL B 34 -21.00 -23.67 -14.26
N VAL B 35 -21.37 -22.39 -14.34
CA VAL B 35 -21.90 -21.83 -15.55
C VAL B 35 -20.76 -20.91 -16.00
N PHE B 36 -20.21 -21.15 -17.19
CA PHE B 36 -19.16 -20.28 -17.65
C PHE B 36 -19.53 -19.67 -18.99
N GLY B 37 -19.18 -18.40 -19.17
CA GLY B 37 -19.51 -17.72 -20.40
C GLY B 37 -18.28 -17.13 -21.07
N ASP B 38 -18.41 -16.85 -22.36
CA ASP B 38 -17.29 -16.29 -23.10
C ASP B 38 -17.85 -15.87 -24.46
N ILE B 39 -16.97 -15.48 -25.38
CA ILE B 39 -17.38 -15.09 -26.72
C ILE B 39 -16.78 -16.08 -27.73
N LEU B 40 -16.02 -17.05 -27.23
CA LEU B 40 -15.43 -18.07 -28.07
C LEU B 40 -16.34 -19.29 -27.94
N ASP B 41 -17.48 -19.25 -28.62
CA ASP B 41 -18.47 -20.32 -28.54
C ASP B 41 -18.01 -21.72 -28.93
N GLU B 42 -17.19 -21.85 -29.95
CA GLU B 42 -16.71 -23.15 -30.38
C GLU B 42 -15.98 -23.83 -29.23
N GLU B 43 -14.95 -23.15 -28.69
CA GLU B 43 -14.18 -23.70 -27.58
C GLU B 43 -15.03 -23.90 -26.35
N GLY B 44 -15.94 -22.96 -26.10
CA GLY B 44 -16.82 -23.05 -24.95
C GLY B 44 -17.69 -24.29 -24.97
N LYS B 45 -18.38 -24.53 -26.08
CA LYS B 45 -19.25 -25.69 -26.20
C LYS B 45 -18.42 -26.98 -26.18
N ALA B 46 -17.19 -26.90 -26.69
CA ALA B 46 -16.31 -28.06 -26.71
C ALA B 46 -16.06 -28.57 -25.30
N MET B 47 -15.56 -27.71 -24.41
CA MET B 47 -15.28 -28.16 -23.05
C MET B 47 -16.52 -28.32 -22.19
N ALA B 48 -17.64 -27.76 -22.64
CA ALA B 48 -18.88 -27.91 -21.88
C ALA B 48 -19.30 -29.35 -22.07
N ALA B 49 -18.91 -29.93 -23.20
CA ALA B 49 -19.25 -31.30 -23.55
C ALA B 49 -18.49 -32.33 -22.70
N GLU B 50 -17.23 -32.03 -22.38
CA GLU B 50 -16.44 -32.96 -21.58
C GLU B 50 -16.62 -32.74 -20.08
N LEU B 51 -17.58 -31.88 -19.70
CA LEU B 51 -17.84 -31.54 -18.30
C LEU B 51 -19.34 -31.75 -18.05
N ALA B 52 -19.97 -32.27 -19.09
CA ALA B 52 -21.37 -32.64 -19.15
C ALA B 52 -22.35 -32.06 -18.12
N ASP B 53 -22.71 -32.87 -17.12
CA ASP B 53 -23.65 -32.49 -16.08
C ASP B 53 -23.20 -31.43 -15.03
N ALA B 54 -21.89 -31.21 -14.85
CA ALA B 54 -21.41 -30.22 -13.86
C ALA B 54 -21.29 -28.77 -14.36
N ALA B 55 -21.27 -28.58 -15.68
CA ALA B 55 -21.15 -27.22 -16.18
C ALA B 55 -22.02 -26.93 -17.38
N ARG B 56 -22.30 -25.64 -17.55
CA ARG B 56 -23.11 -25.14 -18.64
C ARG B 56 -22.38 -23.96 -19.28
N TYR B 57 -22.30 -23.97 -20.60
CA TYR B 57 -21.68 -22.86 -21.30
C TYR B 57 -22.76 -21.93 -21.84
N VAL B 58 -22.49 -20.63 -21.80
CA VAL B 58 -23.43 -19.65 -22.34
C VAL B 58 -22.61 -18.58 -23.03
N HIS B 59 -23.17 -17.97 -24.07
CA HIS B 59 -22.46 -16.92 -24.75
C HIS B 59 -22.59 -15.70 -23.84
N LEU B 60 -21.47 -15.07 -23.54
CA LEU B 60 -21.52 -13.91 -22.65
C LEU B 60 -20.47 -12.85 -22.98
N ASP B 61 -20.93 -11.71 -23.48
CA ASP B 61 -20.07 -10.58 -23.77
C ASP B 61 -20.25 -9.72 -22.52
N VAL B 62 -19.24 -9.68 -21.67
CA VAL B 62 -19.30 -8.95 -20.41
C VAL B 62 -19.67 -7.47 -20.51
N THR B 63 -19.68 -6.91 -21.72
CA THR B 63 -20.06 -5.51 -21.89
C THR B 63 -21.56 -5.34 -22.13
N GLN B 64 -22.28 -6.44 -22.25
CA GLN B 64 -23.71 -6.42 -22.51
C GLN B 64 -24.53 -6.84 -21.28
N PRO B 65 -25.16 -5.88 -20.61
CA PRO B 65 -25.94 -6.25 -19.42
C PRO B 65 -27.02 -7.31 -19.63
N ALA B 66 -27.62 -7.35 -20.82
CA ALA B 66 -28.66 -8.33 -21.10
C ALA B 66 -28.10 -9.75 -21.07
N GLN B 67 -26.88 -9.91 -21.58
CA GLN B 67 -26.26 -11.22 -21.59
C GLN B 67 -25.88 -11.68 -20.19
N TRP B 68 -25.52 -10.74 -19.32
CA TRP B 68 -25.19 -11.07 -17.95
C TRP B 68 -26.44 -11.63 -17.27
N LYS B 69 -27.58 -10.99 -17.52
CA LYS B 69 -28.83 -11.43 -16.93
C LYS B 69 -29.15 -12.85 -17.38
N ALA B 70 -28.94 -13.11 -18.66
CA ALA B 70 -29.21 -14.43 -19.22
C ALA B 70 -28.31 -15.46 -18.56
N ALA B 71 -27.06 -15.09 -18.33
CA ALA B 71 -26.09 -16.00 -17.70
C ALA B 71 -26.54 -16.32 -16.28
N VAL B 72 -26.99 -15.32 -15.55
CA VAL B 72 -27.45 -15.51 -14.19
C VAL B 72 -28.71 -16.37 -14.15
N ASP B 73 -29.66 -16.10 -15.05
CA ASP B 73 -30.90 -16.89 -15.10
C ASP B 73 -30.59 -18.35 -15.35
N THR B 74 -29.61 -18.61 -16.21
CA THR B 74 -29.21 -19.96 -16.53
C THR B 74 -28.74 -20.68 -15.28
N ALA B 75 -27.86 -20.03 -14.53
CA ALA B 75 -27.32 -20.60 -13.30
C ALA B 75 -28.43 -20.92 -12.30
N VAL B 76 -29.28 -19.94 -12.05
CA VAL B 76 -30.37 -20.11 -11.10
C VAL B 76 -31.38 -21.18 -11.47
N THR B 77 -31.84 -21.19 -12.72
CA THR B 77 -32.80 -22.20 -13.11
C THR B 77 -32.19 -23.60 -13.31
N ALA B 78 -30.99 -23.67 -13.86
CA ALA B 78 -30.35 -24.96 -14.08
C ALA B 78 -29.79 -25.60 -12.82
N PHE B 79 -29.26 -24.78 -11.92
CA PHE B 79 -28.64 -25.31 -10.70
C PHE B 79 -29.25 -24.90 -9.37
N GLY B 80 -30.27 -24.07 -9.41
CA GLY B 80 -30.93 -23.67 -8.17
C GLY B 80 -30.46 -22.43 -7.45
N GLY B 81 -29.36 -21.82 -7.90
CA GLY B 81 -28.88 -20.62 -7.24
C GLY B 81 -27.54 -20.16 -7.77
N LEU B 82 -26.99 -19.14 -7.12
CA LEU B 82 -25.70 -18.58 -7.51
C LEU B 82 -25.00 -18.09 -6.26
N HIS B 83 -23.83 -18.66 -5.97
CA HIS B 83 -23.07 -18.32 -4.77
C HIS B 83 -21.70 -17.72 -5.06
N VAL B 84 -21.17 -17.98 -6.25
CA VAL B 84 -19.85 -17.49 -6.61
C VAL B 84 -19.77 -16.84 -7.98
N LEU B 85 -19.07 -15.72 -8.05
CA LEU B 85 -18.85 -15.02 -9.30
C LEU B 85 -17.36 -14.79 -9.44
N VAL B 86 -16.81 -15.21 -10.57
CA VAL B 86 -15.40 -15.00 -10.84
C VAL B 86 -15.29 -14.07 -12.06
N ASN B 87 -15.04 -12.79 -11.81
CA ASN B 87 -14.89 -11.81 -12.89
C ASN B 87 -13.50 -11.98 -13.49
N ASN B 88 -13.39 -12.93 -14.40
CA ASN B 88 -12.11 -13.24 -15.04
C ASN B 88 -11.89 -12.68 -16.44
N ALA B 89 -12.97 -12.49 -17.22
CA ALA B 89 -12.84 -11.97 -18.57
C ALA B 89 -12.06 -10.66 -18.64
N GLY B 90 -11.18 -10.55 -19.63
CA GLY B 90 -10.39 -9.34 -19.78
C GLY B 90 -9.52 -9.38 -21.03
N ILE B 91 -9.04 -8.22 -21.46
CA ILE B 91 -8.19 -8.15 -22.63
C ILE B 91 -6.93 -7.36 -22.30
N LEU B 92 -5.96 -7.44 -23.19
CA LEU B 92 -4.71 -6.73 -23.02
C LEU B 92 -4.29 -6.06 -24.31
N ASN B 93 -4.05 -4.76 -24.25
CA ASN B 93 -3.56 -4.02 -25.40
C ASN B 93 -2.47 -3.10 -24.87
N ILE B 94 -1.54 -2.70 -25.72
CA ILE B 94 -0.45 -1.85 -25.29
C ILE B 94 -0.25 -0.65 -26.21
N GLY B 95 0.63 0.26 -25.79
CA GLY B 95 0.91 1.44 -26.58
C GLY B 95 1.36 2.61 -25.74
N THR B 96 2.19 3.48 -26.30
CA THR B 96 2.67 4.64 -25.57
C THR B 96 1.61 5.73 -25.60
N ILE B 97 1.72 6.67 -24.67
CA ILE B 97 0.78 7.79 -24.56
C ILE B 97 0.45 8.41 -25.91
N GLU B 98 1.44 8.56 -26.77
CA GLU B 98 1.24 9.18 -28.09
C GLU B 98 0.51 8.34 -29.13
N ASP B 99 1.01 7.15 -29.42
CA ASP B 99 0.38 6.30 -30.43
C ASP B 99 -0.58 5.23 -29.91
N TYR B 100 -1.29 5.53 -28.83
CA TYR B 100 -2.26 4.61 -28.26
C TYR B 100 -3.64 5.12 -28.69
N ALA B 101 -4.33 4.34 -29.51
CA ALA B 101 -5.64 4.74 -30.02
C ALA B 101 -6.72 4.91 -28.97
N LEU B 102 -7.49 5.98 -29.09
CA LEU B 102 -8.56 6.26 -28.15
C LEU B 102 -9.59 5.13 -28.14
N THR B 103 -9.70 4.42 -29.27
CA THR B 103 -10.64 3.32 -29.37
C THR B 103 -10.16 2.12 -28.58
N GLU B 104 -8.85 1.91 -28.52
CA GLU B 104 -8.30 0.80 -27.74
C GLU B 104 -8.50 1.12 -26.26
N TRP B 105 -8.34 2.39 -25.92
CA TRP B 105 -8.53 2.87 -24.56
C TRP B 105 -9.96 2.61 -24.10
N GLN B 106 -10.93 2.97 -24.93
CA GLN B 106 -12.34 2.77 -24.62
C GLN B 106 -12.68 1.30 -24.54
N ARG B 107 -12.11 0.51 -25.46
CA ARG B 107 -12.36 -0.92 -25.50
C ARG B 107 -11.93 -1.61 -24.21
N ILE B 108 -10.72 -1.30 -23.74
CA ILE B 108 -10.23 -1.94 -22.53
C ILE B 108 -11.01 -1.48 -21.30
N LEU B 109 -11.50 -0.26 -21.30
CA LEU B 109 -12.28 0.24 -20.19
C LEU B 109 -13.61 -0.52 -20.12
N ASP B 110 -14.21 -0.76 -21.29
CA ASP B 110 -15.48 -1.47 -21.37
C ASP B 110 -15.40 -2.90 -20.86
N VAL B 111 -14.39 -3.63 -21.33
CA VAL B 111 -14.22 -5.02 -20.95
C VAL B 111 -13.66 -5.22 -19.55
N ASN B 112 -12.48 -4.67 -19.30
CA ASN B 112 -11.80 -4.83 -18.01
C ASN B 112 -12.38 -4.14 -16.80
N LEU B 113 -13.07 -3.03 -17.00
CA LEU B 113 -13.65 -2.30 -15.89
C LEU B 113 -15.18 -2.36 -15.86
N THR B 114 -15.84 -1.84 -16.88
CA THR B 114 -17.31 -1.86 -16.92
C THR B 114 -17.84 -3.29 -16.89
N GLY B 115 -17.14 -4.18 -17.57
CA GLY B 115 -17.55 -5.58 -17.60
C GLY B 115 -17.61 -6.17 -16.20
N VAL B 116 -16.63 -5.82 -15.37
CA VAL B 116 -16.58 -6.29 -14.00
C VAL B 116 -17.74 -5.69 -13.20
N PHE B 117 -18.00 -4.41 -13.41
CA PHE B 117 -19.09 -3.75 -12.71
C PHE B 117 -20.43 -4.39 -13.08
N LEU B 118 -20.64 -4.65 -14.37
CA LEU B 118 -21.88 -5.26 -14.83
C LEU B 118 -22.09 -6.64 -14.23
N GLY B 119 -21.01 -7.41 -14.08
CA GLY B 119 -21.12 -8.73 -13.51
C GLY B 119 -21.59 -8.67 -12.05
N ILE B 120 -21.06 -7.70 -11.31
CA ILE B 120 -21.43 -7.55 -9.91
C ILE B 120 -22.90 -7.15 -9.79
N ARG B 121 -23.34 -6.21 -10.63
CA ARG B 121 -24.75 -5.77 -10.59
C ARG B 121 -25.68 -6.93 -10.87
N ALA B 122 -25.27 -7.80 -11.80
CA ALA B 122 -26.09 -8.93 -12.19
C ALA B 122 -26.23 -10.04 -11.15
N VAL B 123 -25.23 -10.25 -10.31
CA VAL B 123 -25.31 -11.32 -9.33
C VAL B 123 -25.77 -10.95 -7.91
N VAL B 124 -25.85 -9.66 -7.60
CA VAL B 124 -26.25 -9.27 -6.26
C VAL B 124 -27.63 -9.74 -5.84
N LYS B 125 -28.60 -9.71 -6.75
CA LYS B 125 -29.96 -10.13 -6.41
C LYS B 125 -30.03 -11.55 -5.87
N PRO B 126 -29.60 -12.54 -6.67
CA PRO B 126 -29.65 -13.92 -6.16
C PRO B 126 -28.79 -14.15 -4.91
N MET B 127 -27.65 -13.49 -4.84
CA MET B 127 -26.76 -13.65 -3.69
C MET B 127 -27.37 -13.05 -2.43
N LYS B 128 -28.02 -11.89 -2.56
CA LYS B 128 -28.66 -11.26 -1.41
C LYS B 128 -29.82 -12.09 -0.89
N GLU B 129 -30.50 -12.80 -1.79
CA GLU B 129 -31.63 -13.63 -1.37
C GLU B 129 -31.12 -14.83 -0.59
N ALA B 130 -29.94 -15.33 -0.95
CA ALA B 130 -29.40 -16.48 -0.24
C ALA B 130 -28.73 -16.01 1.05
N GLY B 131 -28.39 -14.73 1.11
CA GLY B 131 -27.75 -14.20 2.29
C GLY B 131 -26.29 -14.63 2.38
N ARG B 132 -25.72 -15.00 1.23
CA ARG B 132 -24.33 -15.41 1.18
C ARG B 132 -23.82 -15.34 -0.25
N GLY B 133 -22.51 -15.20 -0.39
CA GLY B 133 -21.94 -15.14 -1.73
C GLY B 133 -20.49 -14.73 -1.69
N SER B 134 -19.77 -15.05 -2.75
CA SER B 134 -18.38 -14.70 -2.88
C SER B 134 -18.09 -14.21 -4.29
N ILE B 135 -17.63 -12.97 -4.38
CA ILE B 135 -17.29 -12.38 -5.67
C ILE B 135 -15.78 -12.24 -5.73
N ILE B 136 -15.19 -12.79 -6.79
CA ILE B 136 -13.75 -12.78 -6.97
C ILE B 136 -13.38 -12.01 -8.23
N ASN B 137 -12.76 -10.85 -8.05
CA ASN B 137 -12.36 -10.00 -9.17
C ASN B 137 -10.91 -10.24 -9.52
N ILE B 138 -10.66 -10.57 -10.78
CA ILE B 138 -9.30 -10.82 -11.23
C ILE B 138 -8.63 -9.53 -11.70
N SER B 139 -7.71 -9.02 -10.88
CA SER B 139 -6.94 -7.83 -11.23
C SER B 139 -5.59 -8.38 -11.71
N SER B 140 -4.49 -7.78 -11.25
CA SER B 140 -3.13 -8.23 -11.59
C SER B 140 -2.14 -7.37 -10.83
N ILE B 141 -0.85 -7.69 -10.90
CA ILE B 141 0.12 -6.87 -10.21
C ILE B 141 0.23 -5.52 -10.92
N GLU B 142 -0.33 -5.43 -12.13
CA GLU B 142 -0.33 -4.17 -12.86
C GLU B 142 -1.39 -3.26 -12.21
N GLY B 143 -2.09 -3.81 -11.23
CA GLY B 143 -3.08 -3.05 -10.50
C GLY B 143 -2.48 -2.62 -9.17
N LEU B 144 -1.17 -2.86 -9.03
CA LEU B 144 -0.44 -2.51 -7.81
C LEU B 144 0.69 -1.53 -8.10
N ALA B 145 1.27 -1.63 -9.29
CA ALA B 145 2.35 -0.75 -9.73
C ALA B 145 2.24 -0.55 -11.23
N GLY B 146 2.99 0.40 -11.76
CA GLY B 146 2.92 0.69 -13.19
C GLY B 146 3.90 -0.01 -14.12
N THR B 147 3.61 0.13 -15.41
CA THR B 147 4.41 -0.46 -16.47
C THR B 147 4.35 0.51 -17.65
N VAL B 148 5.47 0.64 -18.36
CA VAL B 148 5.54 1.52 -19.52
C VAL B 148 4.62 1.01 -20.64
N ALA B 149 3.99 1.94 -21.35
CA ALA B 149 3.11 1.62 -22.48
C ALA B 149 1.97 0.67 -22.13
N CYS B 150 1.50 0.74 -20.89
CA CYS B 150 0.44 -0.15 -20.42
C CYS B 150 -0.60 0.66 -19.65
N HIS B 151 -0.93 1.83 -20.17
CA HIS B 151 -1.86 2.75 -19.53
C HIS B 151 -3.31 2.29 -19.37
N GLY B 152 -3.89 1.71 -20.42
CA GLY B 152 -5.27 1.25 -20.31
C GLY B 152 -5.37 0.09 -19.35
N TYR B 153 -4.48 -0.88 -19.51
CA TYR B 153 -4.47 -2.06 -18.66
C TYR B 153 -4.22 -1.71 -17.19
N THR B 154 -3.22 -0.87 -16.94
CA THR B 154 -2.90 -0.45 -15.58
C THR B 154 -4.07 0.30 -14.93
N ALA B 155 -4.65 1.23 -15.68
CA ALA B 155 -5.75 2.01 -15.15
C ALA B 155 -6.94 1.12 -14.75
N THR B 156 -7.31 0.18 -15.62
CA THR B 156 -8.45 -0.69 -15.33
C THR B 156 -8.16 -1.68 -14.20
N LYS B 157 -6.94 -2.19 -14.13
CA LYS B 157 -6.61 -3.15 -13.07
C LYS B 157 -6.57 -2.47 -11.71
N PHE B 158 -6.21 -1.19 -11.68
CA PHE B 158 -6.20 -0.42 -10.44
C PHE B 158 -7.66 -0.14 -10.05
N ALA B 159 -8.47 0.15 -11.05
CA ALA B 159 -9.88 0.45 -10.84
C ALA B 159 -10.62 -0.75 -10.27
N VAL B 160 -10.33 -1.93 -10.81
CA VAL B 160 -10.97 -3.17 -10.36
C VAL B 160 -10.62 -3.40 -8.91
N ARG B 161 -9.39 -3.05 -8.55
CA ARG B 161 -8.90 -3.19 -7.18
C ARG B 161 -9.73 -2.28 -6.26
N GLY B 162 -10.00 -1.06 -6.72
CA GLY B 162 -10.78 -0.12 -5.93
C GLY B 162 -12.25 -0.52 -5.86
N LEU B 163 -12.80 -0.93 -7.00
CA LEU B 163 -14.20 -1.33 -7.07
C LEU B 163 -14.45 -2.49 -6.10
N THR B 164 -13.43 -3.32 -5.91
CA THR B 164 -13.51 -4.47 -5.01
C THR B 164 -13.77 -4.02 -3.57
N LYS B 165 -13.10 -2.94 -3.17
CA LYS B 165 -13.25 -2.42 -1.81
C LYS B 165 -14.59 -1.74 -1.53
N SER B 166 -15.04 -0.88 -2.44
CA SER B 166 -16.30 -0.19 -2.23
C SER B 166 -17.47 -1.17 -2.22
N THR B 167 -17.47 -2.15 -3.12
CA THR B 167 -18.56 -3.11 -3.15
C THR B 167 -18.51 -4.07 -1.95
N ALA B 168 -17.31 -4.38 -1.47
CA ALA B 168 -17.18 -5.26 -0.31
C ALA B 168 -17.81 -4.61 0.94
N LEU B 169 -17.61 -3.31 1.09
CA LEU B 169 -18.16 -2.58 2.23
C LEU B 169 -19.68 -2.53 2.15
N GLU B 170 -20.20 -2.33 0.95
CA GLU B 170 -21.64 -2.25 0.75
C GLU B 170 -22.34 -3.60 0.88
N LEU B 171 -21.74 -4.64 0.34
CA LEU B 171 -22.37 -5.97 0.38
C LEU B 171 -22.09 -6.80 1.63
N GLY B 172 -21.09 -6.38 2.40
CA GLY B 172 -20.73 -7.10 3.62
C GLY B 172 -21.93 -7.43 4.49
N PRO B 173 -22.78 -6.44 4.83
CA PRO B 173 -23.95 -6.68 5.67
C PRO B 173 -24.91 -7.75 5.14
N SER B 174 -24.84 -8.04 3.84
CA SER B 174 -25.72 -9.04 3.24
C SER B 174 -25.08 -10.40 3.21
N GLY B 175 -23.89 -10.52 3.78
CA GLY B 175 -23.20 -11.79 3.81
C GLY B 175 -22.41 -12.10 2.55
N ILE B 176 -22.18 -11.09 1.72
CA ILE B 176 -21.44 -11.28 0.47
C ILE B 176 -20.02 -10.74 0.57
N ARG B 177 -19.04 -11.56 0.22
CA ARG B 177 -17.65 -11.16 0.28
C ARG B 177 -17.14 -10.80 -1.13
N VAL B 178 -16.29 -9.78 -1.21
CA VAL B 178 -15.71 -9.36 -2.49
C VAL B 178 -14.20 -9.20 -2.31
N ASN B 179 -13.42 -9.94 -3.08
CA ASN B 179 -11.96 -9.87 -2.98
C ASN B 179 -11.32 -9.84 -4.37
N SER B 180 -10.10 -9.32 -4.46
CA SER B 180 -9.42 -9.26 -5.74
C SER B 180 -8.15 -10.11 -5.73
N ILE B 181 -7.87 -10.74 -6.86
CA ILE B 181 -6.70 -11.57 -7.02
C ILE B 181 -5.74 -10.85 -7.95
N HIS B 182 -4.47 -10.81 -7.58
CA HIS B 182 -3.47 -10.12 -8.38
C HIS B 182 -2.35 -11.07 -8.79
N PRO B 183 -2.49 -11.74 -9.95
CA PRO B 183 -1.39 -12.64 -10.32
C PRO B 183 -0.28 -11.98 -11.11
N GLY B 184 0.87 -12.63 -11.13
CA GLY B 184 2.00 -12.13 -11.89
C GLY B 184 1.91 -12.79 -13.25
N LEU B 185 3.04 -13.17 -13.85
CA LEU B 185 2.98 -13.80 -15.16
C LEU B 185 2.48 -15.24 -15.07
N VAL B 186 1.43 -15.53 -15.83
CA VAL B 186 0.84 -16.86 -15.87
C VAL B 186 0.88 -17.34 -17.32
N LYS B 187 1.18 -18.62 -17.51
CA LYS B 187 1.25 -19.20 -18.85
C LYS B 187 -0.12 -19.39 -19.50
N THR B 188 -0.54 -18.43 -20.32
CA THR B 188 -1.83 -18.50 -21.01
C THR B 188 -1.69 -17.87 -22.41
N PRO B 189 -2.71 -18.04 -23.27
CA PRO B 189 -2.60 -17.45 -24.61
C PRO B 189 -2.46 -15.92 -24.62
N MET B 190 -2.89 -15.26 -23.54
CA MET B 190 -2.78 -13.81 -23.46
C MET B 190 -1.32 -13.34 -23.33
N THR B 191 -0.45 -14.23 -22.84
CA THR B 191 0.95 -13.87 -22.65
C THR B 191 1.98 -14.89 -23.14
N ASP B 192 1.59 -15.75 -24.09
CA ASP B 192 2.52 -16.75 -24.61
C ASP B 192 3.64 -16.14 -25.46
N TRP B 193 3.49 -14.87 -25.82
CA TRP B 193 4.50 -14.18 -26.63
C TRP B 193 5.49 -13.45 -25.74
N VAL B 194 5.26 -13.50 -24.43
CA VAL B 194 6.10 -12.83 -23.46
C VAL B 194 7.10 -13.80 -22.83
N PRO B 195 8.38 -13.40 -22.73
CA PRO B 195 9.37 -14.29 -22.12
C PRO B 195 8.97 -14.58 -20.67
N GLU B 196 8.98 -15.87 -20.32
CA GLU B 196 8.61 -16.32 -18.98
C GLU B 196 9.35 -15.70 -17.80
N ASP B 197 10.45 -14.99 -18.07
CA ASP B 197 11.21 -14.39 -16.98
C ASP B 197 11.26 -12.87 -17.10
N ILE B 198 10.21 -12.28 -17.66
CA ILE B 198 10.14 -10.83 -17.84
C ILE B 198 10.12 -10.11 -16.49
N PHE B 199 9.52 -10.74 -15.49
CA PHE B 199 9.44 -10.16 -14.15
C PHE B 199 10.51 -10.76 -13.25
N GLN B 200 11.03 -9.94 -12.34
CA GLN B 200 12.00 -10.43 -11.38
C GLN B 200 11.14 -11.11 -10.33
N THR B 201 11.31 -12.41 -10.14
CA THR B 201 10.54 -13.14 -9.14
C THR B 201 11.46 -13.80 -8.14
N ALA B 202 10.93 -14.17 -6.98
CA ALA B 202 11.75 -14.82 -5.97
C ALA B 202 11.80 -16.32 -6.25
N LEU B 203 10.74 -16.84 -6.87
CA LEU B 203 10.65 -18.27 -7.19
C LEU B 203 11.38 -18.62 -8.48
N GLY B 204 11.70 -17.62 -9.28
CA GLY B 204 12.41 -17.84 -10.52
C GLY B 204 11.66 -18.60 -11.60
N ARG B 205 10.38 -18.28 -11.80
CA ARG B 205 9.58 -18.96 -12.82
C ARG B 205 8.22 -18.32 -12.96
N ALA B 206 7.56 -18.61 -14.07
CA ALA B 206 6.21 -18.09 -14.32
C ALA B 206 5.28 -19.08 -13.65
N ALA B 207 4.04 -18.69 -13.45
CA ALA B 207 3.07 -19.57 -12.80
C ALA B 207 2.27 -20.42 -13.75
N GLU B 208 1.83 -21.57 -13.25
CA GLU B 208 0.98 -22.46 -14.02
C GLU B 208 -0.41 -21.96 -13.65
N PRO B 209 -1.34 -21.93 -14.60
CA PRO B 209 -2.70 -21.46 -14.27
C PRO B 209 -3.38 -22.11 -13.07
N VAL B 210 -3.11 -23.38 -12.81
CA VAL B 210 -3.74 -24.05 -11.69
C VAL B 210 -3.33 -23.40 -10.36
N GLU B 211 -2.15 -22.80 -10.33
CA GLU B 211 -1.65 -22.15 -9.13
C GLU B 211 -2.51 -20.94 -8.76
N VAL B 212 -3.14 -20.33 -9.77
CA VAL B 212 -4.02 -19.20 -9.52
C VAL B 212 -5.41 -19.76 -9.20
N SER B 213 -5.76 -20.88 -9.85
CA SER B 213 -7.06 -21.52 -9.61
C SER B 213 -7.19 -21.97 -8.15
N ASN B 214 -6.09 -22.42 -7.56
CA ASN B 214 -6.12 -22.86 -6.16
C ASN B 214 -6.57 -21.71 -5.26
N LEU B 215 -6.15 -20.50 -5.60
CA LEU B 215 -6.52 -19.33 -4.82
C LEU B 215 -7.99 -18.99 -5.07
N VAL B 216 -8.46 -19.25 -6.29
CA VAL B 216 -9.86 -18.98 -6.62
C VAL B 216 -10.75 -19.93 -5.80
N VAL B 217 -10.36 -21.19 -5.70
CA VAL B 217 -11.14 -22.15 -4.93
C VAL B 217 -11.19 -21.73 -3.47
N TYR B 218 -10.04 -21.33 -2.92
CA TYR B 218 -9.98 -20.90 -1.52
C TYR B 218 -10.93 -19.74 -1.26
N LEU B 219 -10.91 -18.73 -2.13
CA LEU B 219 -11.78 -17.57 -1.97
C LEU B 219 -13.26 -17.87 -2.22
N ALA B 220 -13.53 -18.88 -3.04
CA ALA B 220 -14.89 -19.28 -3.34
C ALA B 220 -15.49 -20.11 -2.19
N SER B 221 -14.64 -20.86 -1.50
CA SER B 221 -15.08 -21.70 -0.39
C SER B 221 -15.38 -20.88 0.84
N ASP B 222 -16.01 -21.52 1.84
CA ASP B 222 -16.34 -20.82 3.07
C ASP B 222 -15.16 -20.76 4.03
N GLU B 223 -14.03 -21.32 3.62
CA GLU B 223 -12.82 -21.32 4.43
C GLU B 223 -12.32 -19.89 4.61
N SER B 224 -12.52 -19.06 3.59
CA SER B 224 -12.08 -17.67 3.60
C SER B 224 -13.18 -16.73 4.12
N SER B 225 -14.07 -17.27 4.95
CA SER B 225 -15.21 -16.52 5.50
C SER B 225 -14.93 -15.13 6.11
N TYR B 226 -13.73 -14.89 6.63
CA TYR B 226 -13.47 -13.58 7.23
C TYR B 226 -12.61 -12.63 6.40
N SER B 227 -12.40 -12.96 5.12
CA SER B 227 -11.62 -12.10 4.25
C SER B 227 -12.54 -11.43 3.24
N THR B 228 -12.53 -10.10 3.22
CA THR B 228 -13.34 -9.37 2.26
C THR B 228 -12.71 -8.01 1.98
N GLY B 229 -12.84 -7.55 0.74
CA GLY B 229 -12.29 -6.27 0.34
C GLY B 229 -10.77 -6.27 0.31
N ALA B 230 -10.17 -7.46 0.28
CA ALA B 230 -8.71 -7.58 0.30
C ALA B 230 -8.08 -8.03 -1.01
N GLU B 231 -6.80 -7.70 -1.15
CA GLU B 231 -6.01 -8.05 -2.31
C GLU B 231 -5.20 -9.30 -2.02
N PHE B 232 -5.36 -10.33 -2.85
CA PHE B 232 -4.60 -11.56 -2.68
C PHE B 232 -3.60 -11.65 -3.83
N VAL B 233 -2.32 -11.53 -3.50
CA VAL B 233 -1.24 -11.55 -4.47
C VAL B 233 -0.64 -12.94 -4.68
N VAL B 234 -0.55 -13.33 -5.94
CA VAL B 234 0.02 -14.62 -6.32
C VAL B 234 0.91 -14.31 -7.52
N ASP B 235 2.08 -13.72 -7.21
CA ASP B 235 3.04 -13.29 -8.22
C ASP B 235 4.47 -13.81 -8.06
N GLY B 236 4.66 -14.84 -7.25
CA GLY B 236 6.00 -15.38 -7.07
C GLY B 236 7.00 -14.45 -6.41
N GLY B 237 6.52 -13.39 -5.76
CA GLY B 237 7.40 -12.45 -5.08
C GLY B 237 7.79 -11.16 -5.78
N THR B 238 7.27 -10.92 -6.99
CA THR B 238 7.62 -9.71 -7.73
C THR B 238 7.41 -8.39 -6.98
N VAL B 239 6.18 -8.10 -6.55
CA VAL B 239 5.91 -6.84 -5.86
C VAL B 239 6.44 -6.76 -4.43
N ALA B 240 7.02 -7.86 -3.94
CA ALA B 240 7.57 -7.88 -2.59
C ALA B 240 8.98 -7.27 -2.59
N GLY B 241 9.59 -7.13 -3.76
CA GLY B 241 10.92 -6.57 -3.81
C GLY B 241 11.05 -5.30 -4.64
N LEU B 242 12.17 -4.61 -4.46
CA LEU B 242 12.45 -3.37 -5.20
C LEU B 242 13.10 -3.70 -6.54
N ALA B 243 12.80 -2.89 -7.56
CA ALA B 243 13.38 -3.10 -8.89
C ALA B 243 14.87 -2.76 -8.92
N HIS B 244 15.69 -3.79 -9.13
CA HIS B 244 17.15 -3.63 -9.20
C HIS B 244 17.65 -3.85 -10.63
N ASN B 245 18.93 -3.57 -10.85
CA ASN B 245 19.56 -3.77 -12.15
C ASN B 245 20.66 -4.80 -12.06
N SER C 2 7.41 32.64 -2.69
CA SER C 2 7.31 33.86 -3.54
C SER C 2 8.36 33.78 -4.65
N GLY C 3 7.90 33.66 -5.89
CA GLY C 3 8.81 33.57 -7.03
C GLY C 3 9.29 32.13 -7.22
N ARG C 4 8.63 31.18 -6.56
CA ARG C 4 9.02 29.78 -6.66
C ARG C 4 8.63 29.10 -7.98
N LEU C 5 7.69 29.70 -8.70
CA LEU C 5 7.25 29.13 -9.96
C LEU C 5 7.59 30.06 -11.14
N THR C 6 8.31 31.14 -10.84
CA THR C 6 8.69 32.12 -11.85
C THR C 6 9.19 31.41 -13.11
N GLY C 7 8.66 31.81 -14.27
CA GLY C 7 9.08 31.21 -15.52
C GLY C 7 8.32 29.95 -15.92
N LYS C 8 7.41 29.51 -15.07
CA LYS C 8 6.62 28.31 -15.35
C LYS C 8 5.25 28.67 -15.89
N VAL C 9 4.79 27.90 -16.87
CA VAL C 9 3.47 28.10 -17.46
C VAL C 9 2.66 26.86 -17.08
N ALA C 10 1.47 27.07 -16.53
CA ALA C 10 0.63 25.96 -16.10
C ALA C 10 -0.76 25.95 -16.70
N LEU C 11 -1.27 24.73 -16.87
CA LEU C 11 -2.61 24.51 -17.38
C LEU C 11 -3.38 23.78 -16.27
N VAL C 12 -4.49 24.37 -15.83
CA VAL C 12 -5.30 23.79 -14.78
C VAL C 12 -6.72 23.52 -15.27
N SER C 13 -7.15 22.26 -15.19
CA SER C 13 -8.51 21.91 -15.62
C SER C 13 -9.45 22.09 -14.44
N GLY C 14 -10.68 22.51 -14.71
CA GLY C 14 -11.64 22.71 -13.64
C GLY C 14 -11.20 23.80 -12.69
N GLY C 15 -10.62 24.86 -13.23
CA GLY C 15 -10.13 25.94 -12.40
C GLY C 15 -11.04 27.14 -12.15
N ALA C 16 -12.32 27.02 -12.53
CA ALA C 16 -13.26 28.13 -12.33
C ALA C 16 -13.73 28.30 -10.88
N ARG C 17 -13.65 27.23 -10.10
CA ARG C 17 -14.09 27.32 -8.71
C ARG C 17 -13.45 26.22 -7.85
N GLY C 18 -13.79 26.21 -6.57
CA GLY C 18 -13.27 25.20 -5.67
C GLY C 18 -11.76 25.16 -5.58
N MET C 19 -11.21 23.95 -5.43
CA MET C 19 -9.76 23.79 -5.34
C MET C 19 -9.04 24.27 -6.59
N GLY C 20 -9.65 24.06 -7.74
CA GLY C 20 -9.04 24.48 -8.99
C GLY C 20 -8.76 25.97 -8.97
N ALA C 21 -9.75 26.74 -8.54
CA ALA C 21 -9.59 28.20 -8.49
C ALA C 21 -8.45 28.53 -7.53
N SER C 22 -8.44 27.84 -6.39
CA SER C 22 -7.41 28.07 -5.39
C SER C 22 -6.02 27.77 -5.95
N HIS C 23 -5.90 26.72 -6.76
CA HIS C 23 -4.61 26.38 -7.34
C HIS C 23 -4.13 27.46 -8.28
N VAL C 24 -5.05 27.99 -9.08
CA VAL C 24 -4.73 29.04 -10.04
C VAL C 24 -4.16 30.26 -9.31
N ARG C 25 -4.87 30.70 -8.27
CA ARG C 25 -4.44 31.85 -7.48
C ARG C 25 -3.11 31.61 -6.79
N ALA C 26 -2.93 30.42 -6.20
CA ALA C 26 -1.70 30.09 -5.51
C ALA C 26 -0.49 30.07 -6.45
N MET C 27 -0.68 29.53 -7.66
CA MET C 27 0.43 29.46 -8.60
C MET C 27 0.79 30.82 -9.19
N VAL C 28 -0.20 31.68 -9.37
CA VAL C 28 0.05 33.02 -9.89
C VAL C 28 0.84 33.79 -8.84
N ALA C 29 0.45 33.64 -7.57
CA ALA C 29 1.14 34.32 -6.47
C ALA C 29 2.60 33.89 -6.38
N GLU C 30 2.92 32.74 -6.96
CA GLU C 30 4.30 32.26 -6.93
C GLU C 30 5.05 32.56 -8.22
N GLY C 31 4.47 33.42 -9.05
CA GLY C 31 5.13 33.80 -10.29
C GLY C 31 4.86 33.02 -11.57
N ALA C 32 3.87 32.14 -11.54
CA ALA C 32 3.57 31.36 -12.74
C ALA C 32 2.50 32.00 -13.61
N LYS C 33 2.51 31.64 -14.89
CA LYS C 33 1.50 32.12 -15.83
C LYS C 33 0.55 30.94 -15.93
N VAL C 34 -0.74 31.19 -15.75
CA VAL C 34 -1.70 30.12 -15.75
C VAL C 34 -2.84 30.21 -16.76
N VAL C 35 -3.07 29.10 -17.45
CA VAL C 35 -4.17 28.99 -18.38
C VAL C 35 -5.09 28.01 -17.64
N PHE C 36 -6.30 28.44 -17.32
CA PHE C 36 -7.22 27.54 -16.65
C PHE C 36 -8.50 27.38 -17.46
N GLY C 37 -9.01 26.15 -17.52
CA GLY C 37 -10.21 25.86 -18.27
C GLY C 37 -11.29 25.26 -17.41
N ASP C 38 -12.52 25.36 -17.87
CA ASP C 38 -13.67 24.82 -17.15
C ASP C 38 -14.87 24.88 -18.09
N ILE C 39 -16.06 24.60 -17.55
CA ILE C 39 -17.26 24.64 -18.34
C ILE C 39 -18.18 25.72 -17.75
N LEU C 40 -17.73 26.34 -16.68
CA LEU C 40 -18.49 27.42 -16.04
C LEU C 40 -17.86 28.72 -16.54
N ASP C 41 -18.18 29.08 -17.79
CA ASP C 41 -17.63 30.27 -18.43
C ASP C 41 -17.84 31.60 -17.71
N GLU C 42 -19.01 31.81 -17.12
CA GLU C 42 -19.28 33.07 -16.43
C GLU C 42 -18.26 33.26 -15.32
N GLU C 43 -18.18 32.29 -14.41
CA GLU C 43 -17.24 32.36 -13.29
C GLU C 43 -15.81 32.40 -13.78
N GLY C 44 -15.52 31.63 -14.82
CA GLY C 44 -14.17 31.59 -15.36
C GLY C 44 -13.70 32.94 -15.87
N LYS C 45 -14.51 33.59 -16.69
CA LYS C 45 -14.15 34.89 -17.23
C LYS C 45 -14.10 35.93 -16.12
N ALA C 46 -14.93 35.75 -15.11
CA ALA C 46 -14.96 36.67 -13.98
C ALA C 46 -13.60 36.74 -13.29
N MET C 47 -13.07 35.60 -12.85
CA MET C 47 -11.78 35.63 -12.16
C MET C 47 -10.60 35.79 -13.12
N ALA C 48 -10.83 35.61 -14.41
CA ALA C 48 -9.74 35.78 -15.36
C ALA C 48 -9.49 37.29 -15.42
N ALA C 49 -10.50 38.06 -15.02
CA ALA C 49 -10.45 39.52 -15.01
C ALA C 49 -9.65 40.07 -13.83
N GLU C 50 -9.71 39.39 -12.69
CA GLU C 50 -8.97 39.87 -11.53
C GLU C 50 -7.49 39.48 -11.56
N LEU C 51 -7.19 38.32 -12.14
CA LEU C 51 -5.82 37.81 -12.29
C LEU C 51 -5.22 38.55 -13.42
N ALA C 52 -6.09 39.26 -14.12
CA ALA C 52 -5.64 40.06 -15.23
C ALA C 52 -4.78 39.36 -16.28
N ASP C 53 -3.67 40.09 -16.58
CA ASP C 53 -2.66 39.59 -17.57
C ASP C 53 -1.85 38.45 -17.20
N ALA C 54 -1.82 37.91 -15.96
CA ALA C 54 -0.98 36.69 -15.70
C ALA C 54 -1.73 35.37 -15.89
N ALA C 55 -3.01 35.44 -16.26
CA ALA C 55 -3.80 34.23 -16.47
C ALA C 55 -4.67 34.35 -17.71
N ARG C 56 -5.22 33.23 -18.15
CA ARG C 56 -6.09 33.21 -19.31
C ARG C 56 -7.13 32.12 -19.08
N TYR C 57 -8.40 32.45 -19.29
CA TYR C 57 -9.45 31.48 -19.14
C TYR C 57 -9.85 30.96 -20.51
N VAL C 58 -10.14 29.68 -20.60
CA VAL C 58 -10.59 29.07 -21.85
C VAL C 58 -11.67 28.07 -21.50
N HIS C 59 -12.61 27.88 -22.42
CA HIS C 59 -13.67 26.91 -22.20
C HIS C 59 -13.04 25.57 -22.44
N LEU C 60 -13.16 24.65 -21.49
CA LEU C 60 -12.56 23.34 -21.66
C LEU C 60 -13.35 22.21 -21.03
N ASP C 61 -13.92 21.36 -21.87
CA ASP C 61 -14.65 20.19 -21.42
C ASP C 61 -13.60 19.09 -21.54
N VAL C 62 -13.10 18.62 -20.41
CA VAL C 62 -12.04 17.60 -20.39
C VAL C 62 -12.31 16.33 -21.18
N THR C 63 -13.55 16.12 -21.60
CA THR C 63 -13.89 14.91 -22.36
C THR C 63 -13.74 15.12 -23.87
N GLN C 64 -13.45 16.36 -24.28
CA GLN C 64 -13.30 16.70 -25.69
C GLN C 64 -11.84 16.96 -26.07
N PRO C 65 -11.20 16.01 -26.76
CA PRO C 65 -9.80 16.21 -27.14
C PRO C 65 -9.49 17.48 -27.91
N ALA C 66 -10.42 17.95 -28.73
CA ALA C 66 -10.21 19.16 -29.51
C ALA C 66 -10.06 20.38 -28.60
N GLN C 67 -10.84 20.42 -27.53
CA GLN C 67 -10.76 21.53 -26.59
C GLN C 67 -9.45 21.50 -25.80
N TRP C 68 -8.93 20.31 -25.54
CA TRP C 68 -7.66 20.19 -24.82
C TRP C 68 -6.58 20.82 -25.69
N LYS C 69 -6.61 20.51 -26.99
CA LYS C 69 -5.61 21.03 -27.91
C LYS C 69 -5.67 22.56 -27.95
N ALA C 70 -6.89 23.09 -27.95
CA ALA C 70 -7.07 24.53 -27.99
C ALA C 70 -6.50 25.15 -26.72
N ALA C 71 -6.72 24.49 -25.59
CA ALA C 71 -6.22 24.98 -24.31
C ALA C 71 -4.68 25.00 -24.33
N VAL C 72 -4.07 23.95 -24.86
CA VAL C 72 -2.62 23.88 -24.92
C VAL C 72 -2.07 24.94 -25.88
N ASP C 73 -2.70 25.12 -27.03
CA ASP C 73 -2.25 26.12 -28.00
C ASP C 73 -2.29 27.51 -27.37
N THR C 74 -3.32 27.77 -26.57
CA THR C 74 -3.46 29.06 -25.91
C THR C 74 -2.26 29.31 -24.99
N ALA C 75 -1.93 28.31 -24.18
CA ALA C 75 -0.81 28.42 -23.26
C ALA C 75 0.50 28.69 -23.99
N VAL C 76 0.79 27.88 -24.99
CA VAL C 76 2.01 28.01 -25.76
C VAL C 76 2.15 29.34 -26.51
N THR C 77 1.11 29.77 -27.21
CA THR C 77 1.21 31.02 -27.94
C THR C 77 1.13 32.25 -27.04
N ALA C 78 0.29 32.21 -26.01
CA ALA C 78 0.16 33.35 -25.12
C ALA C 78 1.31 33.51 -24.13
N PHE C 79 1.87 32.40 -23.65
CA PHE C 79 2.94 32.47 -22.66
C PHE C 79 4.27 31.86 -23.06
N GLY C 80 4.36 31.30 -24.26
CA GLY C 80 5.62 30.73 -24.71
C GLY C 80 5.91 29.27 -24.44
N GLY C 81 5.06 28.59 -23.67
CA GLY C 81 5.31 27.19 -23.39
C GLY C 81 4.36 26.61 -22.36
N LEU C 82 4.61 25.36 -21.98
CA LEU C 82 3.79 24.66 -21.00
C LEU C 82 4.68 23.73 -20.20
N HIS C 83 4.72 23.95 -18.89
CA HIS C 83 5.57 23.15 -18.01
C HIS C 83 4.79 22.39 -16.93
N VAL C 84 3.59 22.84 -16.64
CA VAL C 84 2.80 22.20 -15.61
C VAL C 84 1.35 21.94 -16.01
N LEU C 85 0.87 20.74 -15.67
CA LEU C 85 -0.51 20.36 -15.92
C LEU C 85 -1.10 19.87 -14.61
N VAL C 86 -2.23 20.45 -14.23
CA VAL C 86 -2.90 20.02 -13.02
C VAL C 86 -4.26 19.46 -13.42
N ASN C 87 -4.37 18.13 -13.47
CA ASN C 87 -5.61 17.46 -13.83
C ASN C 87 -6.53 17.49 -12.62
N ASN C 88 -7.23 18.60 -12.47
CA ASN C 88 -8.12 18.79 -11.33
C ASN C 88 -9.62 18.59 -11.58
N ALA C 89 -10.08 18.81 -12.81
CA ALA C 89 -11.50 18.66 -13.12
C ALA C 89 -12.05 17.27 -12.76
N GLY C 90 -13.24 17.25 -12.18
CA GLY C 90 -13.84 15.99 -11.81
C GLY C 90 -15.24 16.18 -11.26
N ILE C 91 -16.01 15.10 -11.20
CA ILE C 91 -17.35 15.16 -10.67
C ILE C 91 -17.55 14.07 -9.64
N LEU C 92 -18.64 14.18 -8.89
CA LEU C 92 -18.97 13.20 -7.88
C LEU C 92 -20.44 12.81 -7.95
N ASN C 93 -20.69 11.51 -8.04
CA ASN C 93 -22.06 11.02 -8.04
C ASN C 93 -22.05 9.79 -7.15
N ILE C 94 -23.19 9.46 -6.57
CA ILE C 94 -23.25 8.31 -5.67
C ILE C 94 -24.41 7.38 -5.99
N GLY C 95 -24.44 6.23 -5.33
CA GLY C 95 -25.51 5.28 -5.56
C GLY C 95 -25.09 3.86 -5.21
N THR C 96 -26.03 3.09 -4.68
CA THR C 96 -25.75 1.70 -4.33
C THR C 96 -25.64 0.91 -5.62
N ILE C 97 -25.06 -0.28 -5.54
CA ILE C 97 -24.88 -1.15 -6.70
C ILE C 97 -26.13 -1.32 -7.58
N GLU C 98 -27.28 -1.55 -6.95
CA GLU C 98 -28.51 -1.76 -7.71
C GLU C 98 -29.08 -0.54 -8.38
N ASP C 99 -29.27 0.54 -7.62
CA ASP C 99 -29.87 1.73 -8.21
C ASP C 99 -28.91 2.81 -8.69
N TYR C 100 -27.76 2.40 -9.20
CA TYR C 100 -26.78 3.33 -9.74
C TYR C 100 -26.88 3.20 -11.26
N ALA C 101 -27.31 4.29 -11.91
CA ALA C 101 -27.50 4.29 -13.37
C ALA C 101 -26.22 4.06 -14.17
N LEU C 102 -26.33 3.22 -15.19
CA LEU C 102 -25.18 2.95 -16.05
C LEU C 102 -24.69 4.21 -16.73
N THR C 103 -25.58 5.18 -16.91
CA THR C 103 -25.21 6.43 -17.54
C THR C 103 -24.35 7.28 -16.60
N GLU C 104 -24.63 7.22 -15.30
CA GLU C 104 -23.85 7.97 -14.32
C GLU C 104 -22.46 7.33 -14.25
N TRP C 105 -22.43 6.00 -14.33
CA TRP C 105 -21.20 5.26 -14.31
C TRP C 105 -20.31 5.67 -15.49
N GLN C 106 -20.89 5.72 -16.68
CA GLN C 106 -20.15 6.11 -17.89
C GLN C 106 -19.70 7.56 -17.81
N ARG C 107 -20.57 8.41 -17.29
CA ARG C 107 -20.28 9.84 -17.17
C ARG C 107 -19.06 10.09 -16.29
N ILE C 108 -19.02 9.44 -15.12
CA ILE C 108 -17.90 9.65 -14.22
C ILE C 108 -16.61 9.06 -14.77
N LEU C 109 -16.71 8.00 -15.57
CA LEU C 109 -15.52 7.39 -16.19
C LEU C 109 -14.94 8.36 -17.21
N ASP C 110 -15.82 9.00 -17.98
CA ASP C 110 -15.41 9.95 -19.00
C ASP C 110 -14.67 11.15 -18.44
N VAL C 111 -15.28 11.77 -17.44
CA VAL C 111 -14.71 12.95 -16.82
C VAL C 111 -13.50 12.68 -15.92
N ASN C 112 -13.71 11.86 -14.88
CA ASN C 112 -12.66 11.56 -13.91
C ASN C 112 -11.48 10.72 -14.37
N LEU C 113 -11.69 9.87 -15.36
CA LEU C 113 -10.61 9.02 -15.83
C LEU C 113 -10.13 9.36 -17.24
N THR C 114 -11.01 9.26 -18.23
CA THR C 114 -10.64 9.56 -19.61
C THR C 114 -10.20 11.02 -19.74
N GLY C 115 -10.86 11.89 -18.99
CA GLY C 115 -10.51 13.30 -19.04
C GLY C 115 -9.05 13.52 -18.62
N VAL C 116 -8.62 12.79 -17.60
CA VAL C 116 -7.25 12.90 -17.11
C VAL C 116 -6.27 12.36 -18.16
N PHE C 117 -6.65 11.25 -18.79
CA PHE C 117 -5.80 10.66 -19.81
C PHE C 117 -5.65 11.62 -21.00
N LEU C 118 -6.75 12.23 -21.42
CA LEU C 118 -6.72 13.17 -22.55
C LEU C 118 -5.83 14.37 -22.25
N GLY C 119 -5.87 14.86 -21.02
CA GLY C 119 -5.04 15.98 -20.64
C GLY C 119 -3.56 15.66 -20.76
N ILE C 120 -3.19 14.45 -20.33
CA ILE C 120 -1.81 14.02 -20.40
C ILE C 120 -1.35 13.91 -21.85
N ARG C 121 -2.18 13.31 -22.70
CA ARG C 121 -1.84 13.15 -24.11
C ARG C 121 -1.63 14.50 -24.76
N ALA C 122 -2.45 15.49 -24.37
CA ALA C 122 -2.38 16.82 -24.93
C ALA C 122 -1.14 17.64 -24.54
N VAL C 123 -0.58 17.41 -23.36
CA VAL C 123 0.56 18.20 -22.93
C VAL C 123 1.94 17.59 -23.12
N VAL C 124 2.02 16.32 -23.47
CA VAL C 124 3.32 15.70 -23.63
C VAL C 124 4.20 16.31 -24.72
N LYS C 125 3.61 16.68 -25.84
CA LYS C 125 4.40 17.26 -26.93
C LYS C 125 5.19 18.50 -26.51
N PRO C 126 4.50 19.56 -26.03
CA PRO C 126 5.25 20.76 -25.61
C PRO C 126 6.22 20.51 -24.45
N MET C 127 5.83 19.64 -23.52
CA MET C 127 6.71 19.33 -22.39
C MET C 127 7.96 18.57 -22.84
N LYS C 128 7.80 17.63 -23.76
CA LYS C 128 8.94 16.86 -24.24
C LYS C 128 9.92 17.76 -25.00
N GLU C 129 9.40 18.78 -25.67
CA GLU C 129 10.26 19.69 -26.42
C GLU C 129 11.04 20.57 -25.45
N ALA C 130 10.38 20.97 -24.36
CA ALA C 130 11.01 21.80 -23.35
C ALA C 130 11.98 20.97 -22.50
N GLY C 131 11.84 19.65 -22.56
CA GLY C 131 12.71 18.76 -21.82
C GLY C 131 12.50 18.69 -20.31
N ARG C 132 11.44 19.31 -19.83
CA ARG C 132 11.11 19.30 -18.40
C ARG C 132 9.62 19.52 -18.23
N GLY C 133 9.04 18.93 -17.21
CA GLY C 133 7.62 19.10 -16.99
C GLY C 133 7.08 18.39 -15.77
N SER C 134 5.96 18.88 -15.26
CA SER C 134 5.35 18.30 -14.09
C SER C 134 3.85 18.15 -14.26
N ILE C 135 3.37 16.91 -14.17
CA ILE C 135 1.96 16.62 -14.30
C ILE C 135 1.46 16.21 -12.92
N ILE C 136 0.41 16.88 -12.47
CA ILE C 136 -0.17 16.64 -11.17
C ILE C 136 -1.61 16.15 -11.32
N ASN C 137 -1.84 14.89 -10.98
CA ASN C 137 -3.17 14.30 -11.07
C ASN C 137 -3.87 14.31 -9.72
N ILE C 138 -5.04 14.91 -9.68
CA ILE C 138 -5.80 14.98 -8.43
C ILE C 138 -6.69 13.76 -8.24
N SER C 139 -6.29 12.89 -7.32
CA SER C 139 -7.07 11.69 -7.00
C SER C 139 -7.78 12.05 -5.69
N SER C 140 -7.76 11.15 -4.72
CA SER C 140 -8.37 11.39 -3.40
C SER C 140 -8.10 10.18 -2.53
N ILE C 141 -8.47 10.24 -1.25
CA ILE C 141 -8.25 9.08 -0.40
C ILE C 141 -9.22 7.97 -0.80
N GLU C 142 -10.21 8.31 -1.63
CA GLU C 142 -11.16 7.31 -2.12
C GLU C 142 -10.44 6.50 -3.20
N GLY C 143 -9.21 6.90 -3.50
CA GLY C 143 -8.40 6.20 -4.48
C GLY C 143 -7.41 5.32 -3.72
N LEU C 144 -7.58 5.24 -2.41
CA LEU C 144 -6.71 4.45 -1.54
C LEU C 144 -7.49 3.38 -0.79
N ALA C 145 -8.75 3.68 -0.49
CA ALA C 145 -9.63 2.74 0.21
C ALA C 145 -11.06 2.97 -0.28
N GLY C 146 -11.96 2.04 0.05
CA GLY C 146 -13.33 2.15 -0.41
C GLY C 146 -14.33 2.88 0.47
N THR C 147 -15.50 3.13 -0.11
CA THR C 147 -16.61 3.80 0.56
C THR C 147 -17.89 3.22 -0.01
N VAL C 148 -18.89 3.03 0.85
CA VAL C 148 -20.18 2.50 0.43
C VAL C 148 -20.87 3.45 -0.56
N ALA C 149 -21.56 2.88 -1.55
CA ALA C 149 -22.29 3.64 -2.56
C ALA C 149 -21.47 4.68 -3.30
N CYS C 150 -20.18 4.39 -3.45
CA CYS C 150 -19.27 5.32 -4.12
C CYS C 150 -18.42 4.57 -5.15
N HIS C 151 -19.06 3.67 -5.88
CA HIS C 151 -18.38 2.83 -6.86
C HIS C 151 -17.73 3.50 -8.05
N GLY C 152 -18.43 4.42 -8.69
CA GLY C 152 -17.85 5.11 -9.84
C GLY C 152 -16.69 5.99 -9.42
N TYR C 153 -16.89 6.76 -8.36
CA TYR C 153 -15.87 7.66 -7.84
C TYR C 153 -14.63 6.90 -7.39
N THR C 154 -14.84 5.84 -6.60
CA THR C 154 -13.73 5.03 -6.11
C THR C 154 -12.95 4.40 -7.25
N ALA C 155 -13.66 3.82 -8.21
CA ALA C 155 -13.02 3.16 -9.34
C ALA C 155 -12.15 4.14 -10.13
N THR C 156 -12.67 5.32 -10.43
CA THR C 156 -11.90 6.30 -11.20
C THR C 156 -10.71 6.89 -10.42
N LYS C 157 -10.89 7.11 -9.12
CA LYS C 157 -9.80 7.68 -8.33
C LYS C 157 -8.66 6.66 -8.17
N PHE C 158 -8.99 5.38 -8.17
CA PHE C 158 -7.99 4.32 -8.07
C PHE C 158 -7.29 4.25 -9.43
N ALA C 159 -8.06 4.40 -10.50
CA ALA C 159 -7.53 4.34 -11.85
C ALA C 159 -6.55 5.49 -12.10
N VAL C 160 -6.90 6.69 -11.65
CA VAL C 160 -6.05 7.86 -11.83
C VAL C 160 -4.73 7.63 -11.10
N ARG C 161 -4.81 6.95 -9.96
CA ARG C 161 -3.64 6.62 -9.16
C ARG C 161 -2.71 5.69 -9.95
N GLY C 162 -3.30 4.71 -10.64
CA GLY C 162 -2.52 3.79 -11.44
C GLY C 162 -1.99 4.44 -12.71
N LEU C 163 -2.81 5.25 -13.37
CA LEU C 163 -2.41 5.92 -14.59
C LEU C 163 -1.20 6.82 -14.30
N THR C 164 -1.14 7.35 -13.08
CA THR C 164 -0.05 8.22 -12.66
C THR C 164 1.28 7.46 -12.71
N LYS C 165 1.27 6.21 -12.27
CA LYS C 165 2.47 5.39 -12.24
C LYS C 165 2.99 4.95 -13.61
N SER C 166 2.10 4.45 -14.46
CA SER C 166 2.50 4.00 -15.78
C SER C 166 3.02 5.16 -16.63
N THR C 167 2.38 6.32 -16.56
CA THR C 167 2.83 7.46 -17.33
C THR C 167 4.13 8.04 -16.78
N ALA C 168 4.32 7.95 -15.47
CA ALA C 168 5.54 8.47 -14.84
C ALA C 168 6.75 7.68 -15.33
N LEU C 169 6.59 6.36 -15.45
CA LEU C 169 7.68 5.50 -15.90
C LEU C 169 8.02 5.77 -17.36
N GLU C 170 7.00 6.01 -18.17
CA GLU C 170 7.20 6.26 -19.59
C GLU C 170 7.79 7.63 -19.87
N LEU C 171 7.32 8.65 -19.16
CA LEU C 171 7.78 10.01 -19.38
C LEU C 171 9.04 10.41 -18.62
N GLY C 172 9.42 9.62 -17.62
CA GLY C 172 10.60 9.91 -16.84
C GLY C 172 11.83 10.23 -17.68
N PRO C 173 12.17 9.38 -18.67
CA PRO C 173 13.34 9.62 -19.52
C PRO C 173 13.32 10.96 -20.25
N SER C 174 12.14 11.55 -20.42
CA SER C 174 12.02 12.84 -21.10
C SER C 174 12.07 14.01 -20.14
N GLY C 175 12.30 13.72 -18.87
CA GLY C 175 12.38 14.78 -17.87
C GLY C 175 11.04 15.25 -17.35
N ILE C 176 10.00 14.46 -17.58
CA ILE C 176 8.67 14.82 -17.12
C ILE C 176 8.26 14.00 -15.90
N ARG C 177 7.81 14.68 -14.86
CA ARG C 177 7.39 13.99 -13.64
C ARG C 177 5.88 13.93 -13.56
N VAL C 178 5.35 12.81 -13.05
CA VAL C 178 3.91 12.63 -12.89
C VAL C 178 3.64 12.13 -11.46
N ASN C 179 2.82 12.87 -10.70
CA ASN C 179 2.51 12.48 -9.33
C ASN C 179 1.02 12.67 -9.06
N SER C 180 0.50 11.94 -8.08
CA SER C 180 -0.91 12.09 -7.75
C SER C 180 -1.09 12.64 -6.34
N ILE C 181 -2.10 13.48 -6.16
CA ILE C 181 -2.42 14.08 -4.87
C ILE C 181 -3.70 13.45 -4.36
N HIS C 182 -3.70 13.06 -3.09
CA HIS C 182 -4.88 12.43 -2.50
C HIS C 182 -5.39 13.19 -1.29
N PRO C 183 -6.30 14.16 -1.51
CA PRO C 183 -6.78 14.89 -0.34
C PRO C 183 -7.98 14.24 0.35
N GLY C 184 -8.19 14.62 1.60
CA GLY C 184 -9.32 14.12 2.37
C GLY C 184 -10.44 15.12 2.15
N LEU C 185 -11.24 15.40 3.17
CA LEU C 185 -12.33 16.35 3.00
C LEU C 185 -11.82 17.78 2.92
N VAL C 186 -12.18 18.46 1.84
CA VAL C 186 -11.79 19.85 1.63
C VAL C 186 -13.07 20.68 1.46
N LYS C 187 -13.09 21.88 2.05
CA LYS C 187 -14.25 22.75 1.96
C LYS C 187 -14.43 23.38 0.57
N THR C 188 -15.27 22.76 -0.26
CA THR C 188 -15.55 23.27 -1.61
C THR C 188 -17.01 23.02 -1.95
N PRO C 189 -17.51 23.60 -3.06
CA PRO C 189 -18.92 23.37 -3.41
C PRO C 189 -19.27 21.90 -3.68
N MET C 190 -18.27 21.09 -3.99
CA MET C 190 -18.52 19.67 -4.26
C MET C 190 -18.89 18.90 -2.98
N THR C 191 -18.50 19.43 -1.83
CA THR C 191 -18.78 18.77 -0.57
C THR C 191 -19.33 19.65 0.55
N ASP C 192 -19.94 20.78 0.20
CA ASP C 192 -20.48 21.67 1.22
C ASP C 192 -21.72 21.10 1.92
N TRP C 193 -22.27 20.02 1.38
CA TRP C 193 -23.45 19.38 1.96
C TRP C 193 -23.02 18.25 2.91
N VAL C 194 -21.73 18.01 2.99
CA VAL C 194 -21.19 16.96 3.82
C VAL C 194 -20.67 17.51 5.14
N PRO C 195 -21.02 16.85 6.27
CA PRO C 195 -20.54 17.34 7.57
C PRO C 195 -19.02 17.31 7.61
N GLU C 196 -18.43 18.43 8.01
CA GLU C 196 -16.98 18.59 8.09
C GLU C 196 -16.20 17.55 8.89
N ASP C 197 -16.89 16.73 9.67
CA ASP C 197 -16.20 15.72 10.46
C ASP C 197 -16.64 14.30 10.09
N ILE C 198 -16.99 14.11 8.82
CA ILE C 198 -17.42 12.80 8.34
C ILE C 198 -16.29 11.77 8.44
N PHE C 199 -15.06 12.23 8.25
CA PHE C 199 -13.89 11.36 8.33
C PHE C 199 -13.22 11.46 9.69
N GLN C 200 -12.67 10.35 10.17
CA GLN C 200 -11.94 10.37 11.43
C GLN C 200 -10.58 10.91 11.02
N THR C 201 -10.19 12.06 11.57
CA THR C 201 -8.90 12.65 11.24
C THR C 201 -8.09 12.83 12.52
N ALA C 202 -6.78 12.98 12.38
CA ALA C 202 -5.92 13.16 13.54
C ALA C 202 -5.91 14.65 13.91
N LEU C 203 -6.08 15.52 12.92
CA LEU C 203 -6.07 16.96 13.16
C LEU C 203 -7.42 17.49 13.63
N GLY C 204 -8.46 16.68 13.49
CA GLY C 204 -9.78 17.09 13.94
C GLY C 204 -10.44 18.22 13.18
N ARG C 205 -10.33 18.23 11.86
CA ARG C 205 -10.94 19.28 11.07
C ARG C 205 -10.82 18.99 9.58
N ALA C 206 -11.62 19.69 8.79
CA ALA C 206 -11.58 19.54 7.34
C ALA C 206 -10.50 20.50 6.88
N ALA C 207 -10.04 20.32 5.65
CA ALA C 207 -8.99 21.17 5.12
C ALA C 207 -9.50 22.39 4.37
N GLU C 208 -8.67 23.43 4.36
CA GLU C 208 -8.97 24.64 3.63
C GLU C 208 -8.33 24.35 2.28
N PRO C 209 -8.97 24.77 1.18
CA PRO C 209 -8.38 24.50 -0.13
C PRO C 209 -6.93 24.93 -0.34
N VAL C 210 -6.52 26.01 0.31
CA VAL C 210 -5.15 26.48 0.13
C VAL C 210 -4.14 25.44 0.64
N GLU C 211 -4.57 24.63 1.61
CA GLU C 211 -3.70 23.60 2.17
C GLU C 211 -3.36 22.54 1.13
N VAL C 212 -4.24 22.35 0.15
CA VAL C 212 -3.99 21.39 -0.92
C VAL C 212 -3.19 22.12 -2.00
N SER C 213 -3.48 23.40 -2.18
CA SER C 213 -2.78 24.22 -3.18
C SER C 213 -1.28 24.29 -2.86
N ASN C 214 -0.94 24.34 -1.57
CA ASN C 214 0.47 24.40 -1.18
C ASN C 214 1.22 23.18 -1.70
N LEU C 215 0.54 22.04 -1.70
CA LEU C 215 1.15 20.80 -2.18
C LEU C 215 1.25 20.85 -3.70
N VAL C 216 0.27 21.49 -4.35
CA VAL C 216 0.31 21.62 -5.81
C VAL C 216 1.51 22.46 -6.22
N VAL C 217 1.75 23.55 -5.50
CA VAL C 217 2.89 24.42 -5.80
C VAL C 217 4.19 23.65 -5.63
N TYR C 218 4.30 22.89 -4.54
CA TYR C 218 5.50 22.12 -4.28
C TYR C 218 5.79 21.13 -5.42
N LEU C 219 4.76 20.42 -5.86
CA LEU C 219 4.92 19.45 -6.94
C LEU C 219 5.16 20.09 -8.30
N ALA C 220 4.66 21.32 -8.48
CA ALA C 220 4.85 22.04 -9.73
C ALA C 220 6.27 22.64 -9.81
N SER C 221 6.83 23.01 -8.66
CA SER C 221 8.16 23.60 -8.62
C SER C 221 9.24 22.56 -8.84
N ASP C 222 10.48 23.04 -9.04
CA ASP C 222 11.59 22.12 -9.25
C ASP C 222 12.16 21.59 -7.94
N GLU C 223 11.56 22.00 -6.83
CA GLU C 223 11.99 21.54 -5.51
C GLU C 223 11.74 20.03 -5.36
N SER C 224 10.66 19.57 -6.00
CA SER C 224 10.27 18.16 -5.95
C SER C 224 10.87 17.36 -7.10
N SER C 225 12.01 17.83 -7.61
CA SER C 225 12.69 17.20 -8.75
C SER C 225 12.92 15.69 -8.73
N TYR C 226 13.02 15.08 -7.56
CA TYR C 226 13.26 13.64 -7.51
C TYR C 226 12.05 12.79 -7.14
N SER C 227 10.87 13.40 -7.11
CA SER C 227 9.65 12.65 -6.82
C SER C 227 8.82 12.46 -8.08
N THR C 228 8.54 11.21 -8.43
CA THR C 228 7.70 10.93 -9.59
C THR C 228 7.01 9.59 -9.43
N GLY C 229 5.77 9.50 -9.94
CA GLY C 229 4.99 8.28 -9.85
C GLY C 229 4.53 7.98 -8.43
N ALA C 230 4.58 8.99 -7.56
CA ALA C 230 4.21 8.80 -6.17
C ALA C 230 2.90 9.44 -5.75
N GLU C 231 2.36 8.92 -4.65
CA GLU C 231 1.11 9.39 -4.07
C GLU C 231 1.41 10.34 -2.92
N PHE C 232 0.88 11.55 -3.00
CA PHE C 232 1.07 12.50 -1.93
C PHE C 232 -0.27 12.69 -1.22
N VAL C 233 -0.33 12.23 0.03
CA VAL C 233 -1.55 12.31 0.82
C VAL C 233 -1.65 13.55 1.70
N VAL C 234 -2.77 14.23 1.60
CA VAL C 234 -3.03 15.43 2.39
C VAL C 234 -4.47 15.27 2.89
N ASP C 235 -4.62 14.39 3.89
CA ASP C 235 -5.91 14.05 4.47
C ASP C 235 -6.05 14.22 5.98
N GLY C 236 -5.14 14.95 6.61
CA GLY C 236 -5.25 15.14 8.05
C GLY C 236 -5.10 13.88 8.89
N GLY C 237 -4.57 12.81 8.31
CA GLY C 237 -4.36 11.57 9.04
C GLY C 237 -5.38 10.46 8.90
N THR C 238 -6.41 10.65 8.08
CA THR C 238 -7.44 9.62 7.92
C THR C 238 -6.96 8.22 7.56
N VAL C 239 -6.25 8.08 6.43
CA VAL C 239 -5.79 6.77 6.00
C VAL C 239 -4.61 6.22 6.82
N ALA C 240 -4.09 7.02 7.74
CA ALA C 240 -2.97 6.57 8.57
C ALA C 240 -3.47 5.71 9.73
N GLY C 241 -4.77 5.77 10.01
CA GLY C 241 -5.33 5.00 11.10
C GLY C 241 -6.39 3.98 10.70
N LEU C 242 -6.67 3.06 11.61
CA LEU C 242 -7.67 2.02 11.37
C LEU C 242 -9.05 2.54 11.77
N ALA C 243 -10.09 2.10 11.07
CA ALA C 243 -11.45 2.53 11.36
C ALA C 243 -11.97 1.92 12.66
N HIS C 244 -12.19 2.78 13.67
CA HIS C 244 -12.69 2.35 14.97
C HIS C 244 -14.13 2.83 15.18
N ASN C 245 -14.76 2.36 16.26
CA ASN C 245 -16.12 2.76 16.61
C ASN C 245 -16.14 3.49 17.95
N SER D 2 13.02 31.61 0.71
CA SER D 2 14.16 32.33 1.34
C SER D 2 13.91 32.55 2.83
N GLY D 3 12.63 32.50 3.23
CA GLY D 3 12.27 32.68 4.63
C GLY D 3 11.10 31.79 4.99
N ARG D 4 11.02 30.62 4.37
CA ARG D 4 9.92 29.69 4.62
C ARG D 4 9.94 29.04 6.00
N LEU D 5 11.08 29.08 6.69
CA LEU D 5 11.18 28.50 8.02
C LEU D 5 11.51 29.51 9.11
N THR D 6 11.34 30.80 8.82
CA THR D 6 11.62 31.85 9.78
C THR D 6 10.87 31.67 11.10
N GLY D 7 11.60 31.75 12.21
CA GLY D 7 10.95 31.60 13.51
C GLY D 7 10.85 30.16 13.99
N LYS D 8 11.31 29.21 13.16
CA LYS D 8 11.26 27.80 13.53
C LYS D 8 12.62 27.34 14.09
N VAL D 9 12.57 26.48 15.10
CA VAL D 9 13.78 25.93 15.70
C VAL D 9 13.72 24.44 15.40
N ALA D 10 14.80 23.90 14.86
CA ALA D 10 14.82 22.48 14.51
C ALA D 10 15.96 21.70 15.14
N LEU D 11 15.70 20.42 15.39
CA LEU D 11 16.68 19.50 15.94
C LEU D 11 16.86 18.41 14.89
N VAL D 12 18.10 18.21 14.45
CA VAL D 12 18.39 17.21 13.43
C VAL D 12 19.40 16.20 13.97
N SER D 13 19.04 14.92 13.95
CA SER D 13 19.96 13.89 14.43
C SER D 13 20.79 13.40 13.25
N GLY D 14 22.05 13.05 13.53
CA GLY D 14 22.94 12.60 12.48
C GLY D 14 23.17 13.68 11.44
N GLY D 15 23.33 14.92 11.91
CA GLY D 15 23.54 16.03 10.99
C GLY D 15 24.97 16.46 10.71
N ALA D 16 25.96 15.66 11.10
CA ALA D 16 27.35 16.02 10.87
C ALA D 16 27.80 15.80 9.43
N ARG D 17 27.12 14.93 8.70
CA ARG D 17 27.49 14.67 7.31
C ARG D 17 26.33 14.09 6.53
N GLY D 18 26.58 13.81 5.24
CA GLY D 18 25.55 13.23 4.39
C GLY D 18 24.28 14.06 4.29
N MET D 19 23.14 13.38 4.21
CA MET D 19 21.87 14.08 4.10
C MET D 19 21.58 14.97 5.31
N GLY D 20 21.97 14.50 6.49
CA GLY D 20 21.73 15.27 7.69
C GLY D 20 22.36 16.65 7.59
N ALA D 21 23.61 16.70 7.13
CA ALA D 21 24.30 17.98 6.99
C ALA D 21 23.56 18.83 5.99
N SER D 22 23.13 18.21 4.88
CA SER D 22 22.40 18.93 3.85
C SER D 22 21.11 19.53 4.40
N HIS D 23 20.42 18.79 5.26
CA HIS D 23 19.17 19.28 5.84
C HIS D 23 19.43 20.50 6.70
N VAL D 24 20.51 20.45 7.49
CA VAL D 24 20.86 21.55 8.38
C VAL D 24 21.08 22.82 7.54
N ARG D 25 21.91 22.70 6.51
CA ARG D 25 22.20 23.84 5.64
C ARG D 25 20.94 24.36 4.95
N ALA D 26 20.13 23.46 4.43
CA ALA D 26 18.89 23.86 3.75
C ALA D 26 17.92 24.59 4.67
N MET D 27 17.80 24.12 5.91
CA MET D 27 16.87 24.76 6.84
C MET D 27 17.37 26.12 7.32
N VAL D 28 18.69 26.25 7.48
CA VAL D 28 19.26 27.52 7.90
C VAL D 28 19.03 28.55 6.79
N ALA D 29 19.22 28.11 5.54
CA ALA D 29 19.03 28.99 4.40
C ALA D 29 17.61 29.48 4.29
N GLU D 30 16.68 28.78 4.94
CA GLU D 30 15.28 29.18 4.92
C GLU D 30 14.86 29.94 6.16
N GLY D 31 15.85 30.34 6.97
CA GLY D 31 15.57 31.12 8.17
C GLY D 31 15.38 30.40 9.49
N ALA D 32 15.66 29.11 9.53
CA ALA D 32 15.47 28.37 10.78
C ALA D 32 16.74 28.33 11.63
N LYS D 33 16.56 28.12 12.94
CA LYS D 33 17.67 27.99 13.87
C LYS D 33 17.77 26.48 14.05
N VAL D 34 18.96 25.94 13.89
CA VAL D 34 19.13 24.50 13.97
C VAL D 34 20.14 23.98 14.98
N VAL D 35 19.71 22.99 15.74
CA VAL D 35 20.56 22.30 16.69
C VAL D 35 20.72 20.93 16.04
N PHE D 36 21.95 20.55 15.71
CA PHE D 36 22.16 19.26 15.11
C PHE D 36 23.13 18.45 15.95
N GLY D 37 22.84 17.15 16.08
CA GLY D 37 23.70 16.28 16.87
C GLY D 37 24.21 15.11 16.07
N ASP D 38 25.28 14.50 16.55
CA ASP D 38 25.88 13.36 15.87
C ASP D 38 26.92 12.78 16.83
N ILE D 39 27.70 11.83 16.33
CA ILE D 39 28.75 11.22 17.14
C ILE D 39 30.10 11.52 16.51
N LEU D 40 30.07 12.24 15.39
CA LEU D 40 31.31 12.64 14.71
C LEU D 40 31.56 14.09 15.11
N ASP D 41 32.04 14.27 16.35
CA ASP D 41 32.29 15.59 16.90
C ASP D 41 33.21 16.52 16.12
N GLU D 42 34.28 15.98 15.54
CA GLU D 42 35.21 16.80 14.77
C GLU D 42 34.47 17.49 13.63
N GLU D 43 33.82 16.69 12.78
CA GLU D 43 33.08 17.22 11.65
C GLU D 43 31.93 18.11 12.12
N GLY D 44 31.27 17.71 13.20
CA GLY D 44 30.17 18.48 13.72
C GLY D 44 30.56 19.88 14.12
N LYS D 45 31.61 19.99 14.92
CA LYS D 45 32.09 21.30 15.37
C LYS D 45 32.61 22.11 14.20
N ALA D 46 33.18 21.43 13.21
CA ALA D 46 33.70 22.09 12.03
C ALA D 46 32.61 22.89 11.32
N MET D 47 31.52 22.25 10.93
CA MET D 47 30.47 22.97 10.24
C MET D 47 29.62 23.83 11.15
N ALA D 48 29.73 23.62 12.45
CA ALA D 48 28.97 24.44 13.38
C ALA D 48 29.63 25.83 13.36
N ALA D 49 30.91 25.84 13.03
CA ALA D 49 31.68 27.08 12.97
C ALA D 49 31.23 27.96 11.81
N GLU D 50 31.07 27.37 10.64
CA GLU D 50 30.64 28.12 9.46
C GLU D 50 29.13 28.34 9.43
N LEU D 51 28.48 28.09 10.55
CA LEU D 51 27.04 28.29 10.69
C LEU D 51 26.81 28.91 12.06
N ALA D 52 27.92 29.05 12.79
CA ALA D 52 27.99 29.61 14.14
C ALA D 52 26.79 30.39 14.68
N ASP D 53 26.34 31.38 13.93
CA ASP D 53 25.24 32.24 14.37
C ASP D 53 23.84 31.62 14.32
N ALA D 54 23.59 30.74 13.36
CA ALA D 54 22.27 30.13 13.23
C ALA D 54 22.17 28.65 13.60
N ALA D 55 23.28 28.04 14.02
CA ALA D 55 23.26 26.62 14.38
C ALA D 55 24.16 26.26 15.57
N ARG D 56 23.82 25.16 16.24
CA ARG D 56 24.56 24.67 17.40
C ARG D 56 24.77 23.18 17.25
N TYR D 57 25.99 22.72 17.48
CA TYR D 57 26.28 21.31 17.42
C TYR D 57 26.33 20.74 18.82
N VAL D 58 25.84 19.52 18.99
CA VAL D 58 25.86 18.84 20.27
C VAL D 58 26.17 17.38 20.01
N HIS D 59 26.84 16.73 20.96
CA HIS D 59 27.15 15.33 20.80
C HIS D 59 25.84 14.61 21.11
N LEU D 60 25.41 13.73 20.22
CA LEU D 60 24.16 13.02 20.46
C LEU D 60 24.14 11.61 19.90
N ASP D 61 24.13 10.64 20.80
CA ASP D 61 24.05 9.24 20.42
C ASP D 61 22.57 8.96 20.59
N VAL D 62 21.85 8.83 19.48
CA VAL D 62 20.41 8.61 19.50
C VAL D 62 19.90 7.43 20.35
N THR D 63 20.80 6.57 20.81
CA THR D 63 20.39 5.44 21.65
C THR D 63 20.41 5.78 23.14
N GLN D 64 20.90 6.98 23.45
CA GLN D 64 21.00 7.44 24.86
C GLN D 64 19.97 8.50 25.19
N PRO D 65 18.90 8.13 25.92
CA PRO D 65 17.88 9.13 26.25
C PRO D 65 18.38 10.39 26.95
N ALA D 66 19.43 10.26 27.75
CA ALA D 66 19.98 11.42 28.47
C ALA D 66 20.53 12.45 27.50
N GLN D 67 21.18 11.97 26.43
CA GLN D 67 21.74 12.86 25.44
C GLN D 67 20.64 13.56 24.63
N TRP D 68 19.53 12.87 24.41
CA TRP D 68 18.41 13.48 23.69
C TRP D 68 17.89 14.65 24.50
N LYS D 69 17.77 14.45 25.81
CA LYS D 69 17.27 15.51 26.69
C LYS D 69 18.20 16.72 26.65
N ALA D 70 19.50 16.46 26.64
CA ALA D 70 20.49 17.52 26.59
C ALA D 70 20.35 18.29 25.29
N ALA D 71 20.13 17.56 24.20
CA ALA D 71 19.98 18.18 22.89
C ALA D 71 18.76 19.08 22.86
N VAL D 72 17.66 18.61 23.45
CA VAL D 72 16.44 19.39 23.50
C VAL D 72 16.61 20.63 24.37
N ASP D 73 17.25 20.47 25.54
CA ASP D 73 17.47 21.61 26.44
C ASP D 73 18.29 22.67 25.74
N THR D 74 19.27 22.25 24.94
CA THR D 74 20.11 23.17 24.21
C THR D 74 19.27 24.03 23.26
N ALA D 75 18.40 23.36 22.49
CA ALA D 75 17.55 24.04 21.55
C ALA D 75 16.65 25.06 22.24
N VAL D 76 15.96 24.62 23.28
CA VAL D 76 15.05 25.48 24.02
C VAL D 76 15.70 26.68 24.69
N THR D 77 16.82 26.47 25.37
CA THR D 77 17.48 27.59 26.04
C THR D 77 18.24 28.50 25.06
N ALA D 78 18.89 27.92 24.06
CA ALA D 78 19.65 28.71 23.10
C ALA D 78 18.77 29.46 22.08
N PHE D 79 17.68 28.84 21.65
CA PHE D 79 16.81 29.47 20.65
C PHE D 79 15.37 29.76 21.06
N GLY D 80 15.00 29.41 22.28
CA GLY D 80 13.66 29.71 22.74
C GLY D 80 12.56 28.68 22.55
N GLY D 81 12.85 27.61 21.84
CA GLY D 81 11.84 26.59 21.62
C GLY D 81 12.26 25.50 20.66
N LEU D 82 11.33 24.61 20.33
CA LEU D 82 11.59 23.52 19.42
C LEU D 82 10.31 23.22 18.64
N HIS D 83 10.38 23.36 17.33
CA HIS D 83 9.20 23.15 16.47
C HIS D 83 9.38 22.02 15.46
N VAL D 84 10.62 21.67 15.17
CA VAL D 84 10.88 20.63 14.19
C VAL D 84 11.90 19.60 14.63
N LEU D 85 11.60 18.33 14.36
CA LEU D 85 12.50 17.24 14.66
C LEU D 85 12.69 16.41 13.41
N VAL D 86 13.94 16.21 13.00
CA VAL D 86 14.22 15.41 11.83
C VAL D 86 15.01 14.18 12.29
N ASN D 87 14.31 13.05 12.43
CA ASN D 87 14.96 11.81 12.84
C ASN D 87 15.71 11.24 11.65
N ASN D 88 16.93 11.74 11.44
CA ASN D 88 17.73 11.31 10.31
C ASN D 88 18.83 10.29 10.60
N ALA D 89 19.37 10.29 11.82
CA ALA D 89 20.44 9.34 12.17
C ALA D 89 20.08 7.89 11.89
N GLY D 90 21.04 7.14 11.34
CA GLY D 90 20.79 5.75 11.05
C GLY D 90 22.03 5.07 10.52
N ILE D 91 22.03 3.74 10.53
CA ILE D 91 23.16 2.97 10.03
C ILE D 91 22.66 1.91 9.05
N LEU D 92 23.61 1.33 8.34
CA LEU D 92 23.29 0.29 7.37
C LEU D 92 24.27 -0.87 7.49
N ASN D 93 23.74 -2.07 7.68
CA ASN D 93 24.57 -3.26 7.72
C ASN D 93 23.82 -4.30 6.90
N ILE D 94 24.56 -5.26 6.35
CA ILE D 94 23.94 -6.28 5.52
C ILE D 94 24.35 -7.70 5.93
N GLY D 95 23.70 -8.68 5.32
CA GLY D 95 24.01 -10.07 5.62
C GLY D 95 22.84 -10.99 5.36
N THR D 96 23.13 -12.20 4.91
CA THR D 96 22.10 -13.18 4.64
C THR D 96 21.56 -13.66 5.98
N ILE D 97 20.44 -14.38 5.94
CA ILE D 97 19.82 -14.88 7.15
C ILE D 97 20.75 -15.73 8.00
N GLU D 98 21.56 -16.57 7.35
CA GLU D 98 22.47 -17.44 8.08
C GLU D 98 23.65 -16.77 8.76
N ASP D 99 24.41 -15.99 8.01
CA ASP D 99 25.59 -15.35 8.57
C ASP D 99 25.43 -13.89 8.98
N TYR D 100 24.25 -13.54 9.49
CA TYR D 100 24.00 -12.18 9.96
C TYR D 100 24.05 -12.25 11.48
N ALA D 101 25.04 -11.58 12.08
CA ALA D 101 25.22 -11.60 13.53
C ALA D 101 24.06 -11.01 14.32
N LEU D 102 23.68 -11.69 15.40
CA LEU D 102 22.59 -11.20 16.24
C LEU D 102 22.94 -9.85 16.84
N THR D 103 24.23 -9.56 16.98
CA THR D 103 24.66 -8.29 17.54
C THR D 103 24.43 -7.16 16.55
N GLU D 104 24.62 -7.45 15.25
CA GLU D 104 24.40 -6.44 14.22
C GLU D 104 22.89 -6.16 14.16
N TRP D 105 22.10 -7.21 14.33
CA TRP D 105 20.65 -7.10 14.32
C TRP D 105 20.19 -6.19 15.45
N GLN D 106 20.72 -6.43 16.65
CA GLN D 106 20.36 -5.61 17.81
C GLN D 106 20.83 -4.17 17.65
N ARG D 107 22.02 -4.01 17.09
CA ARG D 107 22.60 -2.69 16.90
C ARG D 107 21.73 -1.83 15.98
N ILE D 108 21.32 -2.38 14.85
CA ILE D 108 20.51 -1.62 13.91
C ILE D 108 19.11 -1.32 14.48
N LEU D 109 18.59 -2.20 15.33
CA LEU D 109 17.30 -1.98 15.94
C LEU D 109 17.41 -0.80 16.91
N ASP D 110 18.51 -0.74 17.66
CA ASP D 110 18.73 0.33 18.63
C ASP D 110 18.83 1.70 17.99
N VAL D 111 19.64 1.80 16.96
CA VAL D 111 19.85 3.07 16.27
C VAL D 111 18.69 3.48 15.35
N ASN D 112 18.38 2.64 14.37
CA ASN D 112 17.34 2.93 13.40
C ASN D 112 15.89 2.95 13.88
N LEU D 113 15.58 2.20 14.92
CA LEU D 113 14.21 2.16 15.43
C LEU D 113 14.04 2.78 16.80
N THR D 114 14.74 2.25 17.80
CA THR D 114 14.63 2.79 19.16
C THR D 114 15.10 4.24 19.20
N GLY D 115 16.14 4.54 18.42
CA GLY D 115 16.67 5.89 18.38
C GLY D 115 15.60 6.87 17.95
N VAL D 116 14.81 6.48 16.95
CA VAL D 116 13.73 7.33 16.43
C VAL D 116 12.66 7.51 17.48
N PHE D 117 12.34 6.44 18.18
CA PHE D 117 11.32 6.50 19.22
C PHE D 117 11.77 7.44 20.35
N LEU D 118 13.02 7.32 20.76
CA LEU D 118 13.56 8.16 21.84
C LEU D 118 13.52 9.64 21.47
N GLY D 119 13.82 9.94 20.20
CA GLY D 119 13.79 11.33 19.75
C GLY D 119 12.39 11.92 19.84
N ILE D 120 11.39 11.12 19.49
CA ILE D 120 10.01 11.59 19.55
C ILE D 120 9.60 11.82 20.99
N ARG D 121 9.96 10.91 21.89
CA ARG D 121 9.60 11.07 23.30
C ARG D 121 10.22 12.32 23.88
N ALA D 122 11.44 12.62 23.45
CA ALA D 122 12.17 13.78 23.93
C ALA D 122 11.64 15.14 23.48
N VAL D 123 11.02 15.20 22.30
CA VAL D 123 10.54 16.49 21.81
C VAL D 123 9.07 16.81 22.01
N VAL D 124 8.28 15.83 22.42
CA VAL D 124 6.86 16.08 22.59
C VAL D 124 6.51 17.15 23.61
N LYS D 125 7.23 17.19 24.73
CA LYS D 125 6.94 18.17 25.77
C LYS D 125 7.00 19.62 25.27
N PRO D 126 8.17 20.05 24.74
CA PRO D 126 8.24 21.43 24.25
C PRO D 126 7.29 21.71 23.09
N MET D 127 7.08 20.73 22.22
CA MET D 127 6.17 20.92 21.09
C MET D 127 4.73 21.05 21.56
N LYS D 128 4.32 20.25 22.54
CA LYS D 128 2.96 20.31 23.05
C LYS D 128 2.68 21.65 23.73
N GLU D 129 3.71 22.22 24.35
CA GLU D 129 3.55 23.51 25.02
C GLU D 129 3.43 24.62 23.99
N ALA D 130 4.26 24.52 22.96
CA ALA D 130 4.28 25.49 21.88
C ALA D 130 3.03 25.40 21.01
N GLY D 131 2.29 24.30 21.14
CA GLY D 131 1.06 24.10 20.39
C GLY D 131 1.16 23.75 18.92
N ARG D 132 2.38 23.70 18.38
CA ARG D 132 2.57 23.39 16.97
C ARG D 132 3.89 22.65 16.80
N GLY D 133 3.93 21.69 15.88
CA GLY D 133 5.16 20.95 15.67
C GLY D 133 5.14 20.05 14.45
N SER D 134 6.33 19.67 14.01
CA SER D 134 6.47 18.79 12.87
C SER D 134 7.63 17.81 13.08
N ILE D 135 7.30 16.53 13.07
CA ILE D 135 8.29 15.49 13.25
C ILE D 135 8.45 14.78 11.91
N ILE D 136 9.69 14.71 11.44
CA ILE D 136 9.99 14.09 10.16
C ILE D 136 10.89 12.88 10.35
N ASN D 137 10.34 11.69 10.11
CA ASN D 137 11.09 10.46 10.26
C ASN D 137 11.64 10.00 8.93
N ILE D 138 12.96 9.78 8.87
CA ILE D 138 13.59 9.35 7.64
C ILE D 138 13.62 7.82 7.53
N SER D 139 12.76 7.29 6.66
CA SER D 139 12.69 5.84 6.42
C SER D 139 13.47 5.65 5.10
N SER D 140 12.91 4.89 4.18
CA SER D 140 13.52 4.65 2.87
C SER D 140 12.60 3.76 2.06
N ILE D 141 12.90 3.53 0.78
CA ILE D 141 12.04 2.66 0.00
C ILE D 141 12.21 1.22 0.49
N GLU D 142 13.23 0.97 1.31
CA GLU D 142 13.42 -0.36 1.87
C GLU D 142 12.40 -0.55 2.98
N GLY D 143 11.63 0.51 3.23
CA GLY D 143 10.58 0.45 4.22
C GLY D 143 9.25 0.27 3.51
N LEU D 144 9.32 0.03 2.21
CA LEU D 144 8.13 -0.17 1.37
C LEU D 144 8.15 -1.54 0.69
N ALA D 145 9.34 -2.04 0.40
CA ALA D 145 9.51 -3.35 -0.23
C ALA D 145 10.82 -3.95 0.29
N GLY D 146 11.02 -5.24 0.03
CA GLY D 146 12.20 -5.93 0.51
C GLY D 146 13.42 -5.97 -0.41
N THR D 147 14.54 -6.39 0.18
CA THR D 147 15.81 -6.52 -0.51
C THR D 147 16.54 -7.70 0.12
N VAL D 148 17.24 -8.47 -0.71
CA VAL D 148 17.98 -9.62 -0.23
C VAL D 148 19.11 -9.19 0.71
N ALA D 149 19.38 -10.00 1.73
CA ALA D 149 20.45 -9.74 2.71
C ALA D 149 20.37 -8.36 3.38
N CYS D 150 19.16 -7.85 3.56
CA CYS D 150 18.96 -6.54 4.15
C CYS D 150 17.84 -6.60 5.18
N HIS D 151 17.86 -7.65 5.98
CA HIS D 151 16.84 -7.90 6.99
C HIS D 151 16.73 -6.91 8.14
N GLY D 152 17.86 -6.52 8.72
CA GLY D 152 17.80 -5.56 9.81
C GLY D 152 17.34 -4.19 9.33
N TYR D 153 17.92 -3.74 8.23
CA TYR D 153 17.60 -2.44 7.65
C TYR D 153 16.13 -2.38 7.21
N THR D 154 15.67 -3.41 6.50
CA THR D 154 14.28 -3.47 6.03
C THR D 154 13.30 -3.48 7.20
N ALA D 155 13.58 -4.31 8.20
CA ALA D 155 12.71 -4.40 9.35
C ALA D 155 12.57 -3.06 10.08
N THR D 156 13.68 -2.37 10.31
CA THR D 156 13.63 -1.09 11.01
C THR D 156 12.99 0.02 10.18
N LYS D 157 13.24 0.02 8.87
CA LYS D 157 12.66 1.06 8.03
C LYS D 157 11.14 0.90 7.90
N PHE D 158 10.68 -0.35 7.98
CA PHE D 158 9.24 -0.65 7.92
C PHE D 158 8.64 -0.22 9.27
N ALA D 159 9.37 -0.47 10.34
CA ALA D 159 8.92 -0.12 11.69
C ALA D 159 8.79 1.39 11.86
N VAL D 160 9.76 2.13 11.33
CA VAL D 160 9.73 3.58 11.42
C VAL D 160 8.52 4.11 10.70
N ARG D 161 8.17 3.44 9.60
CA ARG D 161 7.02 3.81 8.80
C ARG D 161 5.74 3.64 9.63
N GLY D 162 5.68 2.54 10.38
CA GLY D 162 4.53 2.27 11.23
C GLY D 162 4.48 3.19 12.44
N LEU D 163 5.63 3.40 13.07
CA LEU D 163 5.71 4.27 14.24
C LEU D 163 5.23 5.68 13.88
N THR D 164 5.48 6.07 12.64
CA THR D 164 5.07 7.39 12.14
C THR D 164 3.54 7.55 12.20
N LYS D 165 2.83 6.48 11.85
CA LYS D 165 1.37 6.50 11.84
C LYS D 165 0.73 6.51 13.22
N SER D 166 1.19 5.65 14.12
CA SER D 166 0.62 5.59 15.45
C SER D 166 0.87 6.89 16.22
N THR D 167 2.07 7.45 16.09
CA THR D 167 2.37 8.70 16.80
C THR D 167 1.63 9.89 16.19
N ALA D 168 1.40 9.86 14.87
CA ALA D 168 0.69 10.94 14.21
C ALA D 168 -0.75 11.00 14.72
N LEU D 169 -1.37 9.84 14.91
CA LEU D 169 -2.75 9.79 15.39
C LEU D 169 -2.84 10.31 16.82
N GLU D 170 -1.87 9.94 17.64
CA GLU D 170 -1.85 10.35 19.03
C GLU D 170 -1.54 11.82 19.23
N LEU D 171 -0.58 12.35 18.48
CA LEU D 171 -0.17 13.75 18.61
C LEU D 171 -0.99 14.75 17.81
N GLY D 172 -1.77 14.25 16.84
CA GLY D 172 -2.58 15.13 16.02
C GLY D 172 -3.38 16.15 16.81
N PRO D 173 -4.15 15.72 17.83
CA PRO D 173 -4.94 16.63 18.64
C PRO D 173 -4.14 17.76 19.31
N SER D 174 -2.83 17.57 19.44
CA SER D 174 -1.98 18.58 20.07
C SER D 174 -1.36 19.52 19.04
N GLY D 175 -1.75 19.35 17.78
CA GLY D 175 -1.22 20.20 16.73
C GLY D 175 0.14 19.78 16.21
N ILE D 176 0.54 18.55 16.51
CA ILE D 176 1.82 18.05 16.05
C ILE D 176 1.66 17.07 14.88
N ARG D 177 2.40 17.30 13.81
CA ARG D 177 2.32 16.43 12.65
C ARG D 177 3.52 15.50 12.59
N VAL D 178 3.29 14.26 12.17
CA VAL D 178 4.37 13.28 12.05
C VAL D 178 4.27 12.62 10.67
N ASN D 179 5.34 12.72 9.88
CA ASN D 179 5.37 12.13 8.53
C ASN D 179 6.70 11.42 8.28
N SER D 180 6.70 10.49 7.34
CA SER D 180 7.92 9.76 7.01
C SER D 180 8.36 10.04 5.58
N ILE D 181 9.66 10.11 5.38
CA ILE D 181 10.23 10.35 4.06
C ILE D 181 10.91 9.06 3.61
N HIS D 182 10.68 8.66 2.36
CA HIS D 182 11.25 7.43 1.84
C HIS D 182 12.09 7.71 0.60
N PRO D 183 13.39 7.97 0.78
CA PRO D 183 14.18 8.23 -0.43
C PRO D 183 14.78 6.97 -1.06
N GLY D 184 15.14 7.09 -2.33
CA GLY D 184 15.76 5.99 -3.04
C GLY D 184 17.27 6.17 -2.86
N LEU D 185 18.06 5.89 -3.89
CA LEU D 185 19.49 6.04 -3.75
C LEU D 185 19.91 7.51 -3.76
N VAL D 186 20.61 7.92 -2.72
CA VAL D 186 21.09 9.30 -2.59
C VAL D 186 22.62 9.24 -2.45
N LYS D 187 23.30 10.19 -3.09
CA LYS D 187 24.76 10.23 -3.04
C LYS D 187 25.30 10.71 -1.69
N THR D 188 25.65 9.77 -0.81
CA THR D 188 26.21 10.11 0.51
C THR D 188 27.26 9.07 0.89
N PRO D 189 28.03 9.32 1.97
CA PRO D 189 29.05 8.35 2.36
C PRO D 189 28.49 6.97 2.72
N MET D 190 27.20 6.89 3.06
CA MET D 190 26.60 5.62 3.41
C MET D 190 26.44 4.70 2.20
N THR D 191 26.41 5.29 1.01
CA THR D 191 26.23 4.51 -0.21
C THR D 191 27.17 4.85 -1.36
N ASP D 192 28.33 5.44 -1.07
CA ASP D 192 29.26 5.80 -2.13
C ASP D 192 29.94 4.58 -2.77
N TRP D 193 29.78 3.41 -2.16
CA TRP D 193 30.34 2.18 -2.68
C TRP D 193 29.34 1.43 -3.56
N VAL D 194 28.14 1.99 -3.66
CA VAL D 194 27.07 1.38 -4.44
C VAL D 194 26.94 2.05 -5.80
N PRO D 195 26.84 1.26 -6.88
CA PRO D 195 26.70 1.85 -8.21
C PRO D 195 25.44 2.71 -8.28
N GLU D 196 25.59 3.94 -8.76
CA GLU D 196 24.50 4.90 -8.86
C GLU D 196 23.25 4.45 -9.62
N ASP D 197 23.33 3.34 -10.34
CA ASP D 197 22.17 2.86 -11.09
C ASP D 197 21.72 1.48 -10.63
N ILE D 198 21.92 1.19 -9.34
CA ILE D 198 21.53 -0.10 -8.77
C ILE D 198 20.01 -0.29 -8.83
N PHE D 199 19.26 0.80 -8.70
CA PHE D 199 17.80 0.77 -8.75
C PHE D 199 17.30 1.16 -10.14
N GLN D 200 16.20 0.54 -10.55
CA GLN D 200 15.59 0.89 -11.81
C GLN D 200 14.80 2.15 -11.47
N THR D 201 15.13 3.27 -12.09
CA THR D 201 14.42 4.51 -11.82
C THR D 201 13.83 5.06 -13.11
N ALA D 202 12.84 5.93 -13.01
CA ALA D 202 12.23 6.51 -14.19
C ALA D 202 13.07 7.71 -14.65
N LEU D 203 13.72 8.38 -13.71
CA LEU D 203 14.54 9.54 -14.02
C LEU D 203 15.95 9.17 -14.51
N GLY D 204 16.34 7.92 -14.30
CA GLY D 204 17.63 7.46 -14.75
C GLY D 204 18.84 8.06 -14.06
N ARG D 205 18.78 8.20 -12.73
CA ARG D 205 19.90 8.78 -11.99
C ARG D 205 19.66 8.70 -10.50
N ALA D 206 20.74 8.84 -9.73
CA ALA D 206 20.64 8.83 -8.28
C ALA D 206 20.31 10.26 -7.88
N ALA D 207 19.86 10.44 -6.65
CA ALA D 207 19.49 11.78 -6.20
C ALA D 207 20.61 12.53 -5.50
N GLU D 208 20.55 13.85 -5.59
CA GLU D 208 21.51 14.70 -4.92
C GLU D 208 20.84 14.91 -3.56
N PRO D 209 21.62 14.93 -2.48
CA PRO D 209 21.01 15.12 -1.16
C PRO D 209 20.08 16.34 -1.01
N VAL D 210 20.35 17.42 -1.74
CA VAL D 210 19.51 18.61 -1.62
C VAL D 210 18.08 18.30 -2.07
N GLU D 211 17.95 17.34 -2.99
CA GLU D 211 16.64 16.97 -3.49
C GLU D 211 15.76 16.37 -2.39
N VAL D 212 16.40 15.75 -1.39
CA VAL D 212 15.66 15.19 -0.28
C VAL D 212 15.45 16.30 0.75
N SER D 213 16.43 17.20 0.86
CA SER D 213 16.33 18.31 1.79
C SER D 213 15.15 19.22 1.45
N ASN D 214 14.86 19.38 0.15
CA ASN D 214 13.74 20.21 -0.27
C ASN D 214 12.44 19.67 0.29
N LEU D 215 12.33 18.35 0.37
CA LEU D 215 11.14 17.72 0.92
C LEU D 215 11.10 17.91 2.44
N VAL D 216 12.27 17.91 3.07
CA VAL D 216 12.36 18.11 4.52
C VAL D 216 11.86 19.52 4.85
N VAL D 217 12.30 20.51 4.07
CA VAL D 217 11.87 21.89 4.30
C VAL D 217 10.34 22.00 4.15
N TYR D 218 9.81 21.39 3.10
CA TYR D 218 8.37 21.43 2.86
C TYR D 218 7.59 20.85 4.04
N LEU D 219 8.04 19.71 4.56
CA LEU D 219 7.36 19.08 5.69
C LEU D 219 7.56 19.82 7.01
N ALA D 220 8.67 20.55 7.11
CA ALA D 220 8.97 21.32 8.31
C ALA D 220 8.16 22.61 8.34
N SER D 221 7.88 23.17 7.16
CA SER D 221 7.13 24.42 7.05
C SER D 221 5.65 24.21 7.33
N ASP D 222 4.91 25.31 7.45
CA ASP D 222 3.49 25.22 7.72
C ASP D 222 2.69 25.03 6.43
N GLU D 223 3.40 24.97 5.31
CA GLU D 223 2.77 24.77 4.01
C GLU D 223 2.11 23.38 3.96
N SER D 224 2.73 22.42 4.64
CA SER D 224 2.23 21.05 4.68
C SER D 224 1.31 20.81 5.88
N SER D 225 0.64 21.87 6.33
CA SER D 225 -0.25 21.82 7.47
C SER D 225 -1.30 20.70 7.53
N TYR D 226 -1.74 20.19 6.39
CA TYR D 226 -2.78 19.16 6.42
C TYR D 226 -2.29 17.74 6.13
N SER D 227 -0.98 17.54 6.10
CA SER D 227 -0.41 16.23 5.87
C SER D 227 0.19 15.68 7.15
N THR D 228 -0.29 14.52 7.59
CA THR D 228 0.24 13.88 8.79
C THR D 228 0.04 12.37 8.71
N GLY D 229 1.01 11.62 9.25
CA GLY D 229 0.94 10.18 9.24
C GLY D 229 1.11 9.58 7.85
N ALA D 230 1.63 10.39 6.93
CA ALA D 230 1.80 9.94 5.56
C ALA D 230 3.23 9.68 5.11
N GLU D 231 3.36 8.86 4.07
CA GLU D 231 4.64 8.49 3.49
C GLU D 231 4.91 9.38 2.28
N PHE D 232 6.05 10.07 2.29
CA PHE D 232 6.43 10.90 1.15
C PHE D 232 7.61 10.25 0.45
N VAL D 233 7.37 9.76 -0.76
CA VAL D 233 8.39 9.07 -1.53
C VAL D 233 9.16 9.99 -2.47
N VAL D 234 10.48 9.89 -2.41
CA VAL D 234 11.37 10.68 -3.26
C VAL D 234 12.44 9.68 -3.74
N ASP D 235 12.03 8.84 -4.69
CA ASP D 235 12.90 7.77 -5.19
C ASP D 235 13.08 7.74 -6.71
N GLY D 236 12.75 8.83 -7.39
CA GLY D 236 12.92 8.83 -8.84
C GLY D 236 12.05 7.84 -9.61
N GLY D 237 11.02 7.31 -8.97
CA GLY D 237 10.11 6.39 -9.64
C GLY D 237 10.31 4.90 -9.41
N THR D 238 11.29 4.50 -8.60
CA THR D 238 11.53 3.09 -8.36
C THR D 238 10.32 2.25 -7.92
N VAL D 239 9.70 2.61 -6.80
CA VAL D 239 8.57 1.83 -6.31
C VAL D 239 7.28 2.01 -7.10
N ALA D 240 7.30 2.89 -8.08
CA ALA D 240 6.13 3.13 -8.90
C ALA D 240 6.02 2.07 -10.01
N GLY D 241 7.11 1.36 -10.26
CA GLY D 241 7.09 0.34 -11.30
C GLY D 241 7.36 -1.07 -10.83
N LEU D 242 7.06 -2.04 -11.68
CA LEU D 242 7.29 -3.45 -11.36
C LEU D 242 8.71 -3.84 -11.77
N ALA D 243 9.32 -4.76 -11.01
CA ALA D 243 10.67 -5.22 -11.30
C ALA D 243 10.72 -6.08 -12.55
N HIS D 244 11.38 -5.57 -13.60
CA HIS D 244 11.52 -6.28 -14.87
C HIS D 244 12.96 -6.72 -15.08
N ASN D 245 13.18 -7.53 -16.12
CA ASN D 245 14.52 -8.00 -16.47
C ASN D 245 14.93 -7.49 -17.84
#